data_5IIA
#
_entry.id   5IIA
#
_cell.length_a   60.490
_cell.length_b   60.330
_cell.length_c   89.170
_cell.angle_alpha   105.04
_cell.angle_beta   89.02
_cell.angle_gamma   113.28
#
_symmetry.space_group_name_H-M   'P 1'
#
loop_
_entity.id
_entity.type
_entity.pdbx_description
1 polymer Egg-lysin
2 polymer 'Vitelline envelope sperm lysin receptor'
3 non-polymer 2-acetamido-2-deoxy-beta-D-glucopyranose
4 water water
#
loop_
_entity_poly.entity_id
_entity_poly.type
_entity_poly.pdbx_seq_one_letter_code
_entity_poly.pdbx_strand_id
1 'polypeptide(L)'
;RSWHYVEPKFLNKAFEVALKVQIIAGFDRGLVKWLRVHGRTLSTVQKKALYFVNRRYMQTHWANYMLWINKKIDALGRTP
VVGDYTRLGAEIGRRIDMAYFYDFLKDKNMIPKYLPYMEEINRMRPADVPVKYMGK
;
A,C,E,G
2 'polypeptide(L)'
;AQTNAAADWDVYCSQDESIPAKFISRLVTSKDQALEKTEINCSNGLVPITQEFGINMMLIQYTRNELLDSPGMCVFWGPY
SVPKNDTVVLYTVTARLKWSEGPPTNLSIQCYMPKSPVAPKLEHHHHHH
;
B,D,F,H
#
# COMPACT_ATOMS: atom_id res chain seq x y z
N PHE A 10 -7.60 -22.58 -3.93
CA PHE A 10 -6.42 -23.34 -4.32
C PHE A 10 -5.27 -23.14 -3.33
N LEU A 11 -5.56 -22.46 -2.23
CA LEU A 11 -4.55 -22.06 -1.26
C LEU A 11 -5.06 -22.31 0.16
N ASN A 12 -4.22 -22.90 0.99
CA ASN A 12 -4.56 -23.17 2.39
C ASN A 12 -5.05 -21.89 3.08
N LYS A 13 -6.12 -22.01 3.86
CA LYS A 13 -6.79 -20.85 4.43
C LYS A 13 -5.86 -19.99 5.30
N ALA A 14 -4.99 -20.63 6.07
CA ALA A 14 -4.07 -19.89 6.93
C ALA A 14 -3.15 -19.01 6.07
N PHE A 15 -2.74 -19.55 4.93
CA PHE A 15 -1.85 -18.83 4.02
C PHE A 15 -2.59 -17.63 3.41
N GLU A 16 -3.81 -17.89 2.95
CA GLU A 16 -4.65 -16.83 2.39
C GLU A 16 -4.85 -15.71 3.42
N VAL A 17 -5.20 -16.10 4.64
CA VAL A 17 -5.44 -15.12 5.69
C VAL A 17 -4.19 -14.29 5.95
N ALA A 18 -3.04 -14.95 6.10
CA ALA A 18 -1.79 -14.20 6.27
C ALA A 18 -1.60 -13.14 5.16
N LEU A 19 -1.76 -13.60 3.93
CA LEU A 19 -1.67 -12.68 2.79
C LEU A 19 -2.62 -11.51 2.94
N LYS A 20 -3.90 -11.79 3.10
CA LYS A 20 -4.91 -10.71 3.10
C LYS A 20 -4.68 -9.72 4.24
N VAL A 21 -4.37 -10.25 5.41
CA VAL A 21 -4.14 -9.38 6.55
C VAL A 21 -2.98 -8.43 6.27
N GLN A 22 -1.88 -8.98 5.75
CA GLN A 22 -0.73 -8.09 5.49
C GLN A 22 -0.94 -7.10 4.32
N ILE A 23 -1.61 -7.56 3.27
CA ILE A 23 -1.86 -6.69 2.13
C ILE A 23 -2.70 -5.50 2.58
N ILE A 24 -3.83 -5.81 3.22
CA ILE A 24 -4.70 -4.72 3.67
C ILE A 24 -4.00 -3.83 4.70
N ALA A 25 -3.26 -4.42 5.63
CA ALA A 25 -2.52 -3.59 6.59
C ALA A 25 -1.53 -2.62 5.91
N GLY A 26 -0.82 -3.11 4.90
CA GLY A 26 0.09 -2.25 4.15
C GLY A 26 -0.60 -1.14 3.38
N PHE A 27 -1.66 -1.51 2.66
CA PHE A 27 -2.42 -0.50 1.93
C PHE A 27 -2.93 0.56 2.92
N ASP A 28 -3.49 0.09 4.05
CA ASP A 28 -4.03 1.02 5.05
C ASP A 28 -2.94 1.95 5.62
N ARG A 29 -1.75 1.42 5.92
CA ARG A 29 -0.63 2.30 6.37
C ARG A 29 -0.31 3.38 5.36
N GLY A 30 -0.24 2.97 4.10
CA GLY A 30 -0.05 3.95 3.04
C GLY A 30 -1.15 5.01 3.03
N LEU A 31 -2.39 4.57 3.20
CA LEU A 31 -3.50 5.52 3.22
C LEU A 31 -3.39 6.49 4.43
N VAL A 32 -3.02 5.98 5.59
CA VAL A 32 -2.83 6.86 6.74
C VAL A 32 -1.77 7.94 6.45
N LYS A 33 -0.64 7.49 5.93
CA LYS A 33 0.43 8.41 5.56
C LYS A 33 -0.08 9.48 4.58
N TRP A 34 -0.81 9.05 3.56
CA TRP A 34 -1.37 10.01 2.60
C TRP A 34 -2.38 10.96 3.24
N LEU A 35 -3.24 10.42 4.12
CA LEU A 35 -4.28 11.21 4.76
C LEU A 35 -3.71 12.27 5.66
N ARG A 36 -2.59 11.98 6.32
CA ARG A 36 -1.96 13.04 7.10
C ARG A 36 -1.70 14.29 6.26
N VAL A 37 -1.27 14.11 5.03
CA VAL A 37 -1.04 15.24 4.14
C VAL A 37 -2.32 15.81 3.53
N HIS A 38 -3.12 14.92 2.93
CA HIS A 38 -4.28 15.32 2.12
C HIS A 38 -5.67 15.22 2.74
N GLY A 39 -5.75 14.74 3.98
CA GLY A 39 -7.04 14.36 4.52
C GLY A 39 -7.91 15.48 5.05
N ARG A 40 -7.37 16.68 5.23
CA ARG A 40 -8.08 17.73 5.95
C ARG A 40 -9.43 18.06 5.34
N THR A 41 -9.51 18.16 4.02
CA THR A 41 -10.72 18.61 3.35
C THR A 41 -11.64 17.45 2.98
N LEU A 42 -11.25 16.24 3.34
CA LEU A 42 -12.08 15.08 3.02
C LEU A 42 -13.12 14.85 4.10
N SER A 43 -14.32 14.48 3.67
CA SER A 43 -15.38 14.06 4.57
C SER A 43 -15.13 12.66 5.13
N THR A 44 -15.78 12.34 6.24
CA THR A 44 -15.67 11.01 6.82
C THR A 44 -15.97 9.90 5.80
N VAL A 45 -17.03 10.08 5.02
CA VAL A 45 -17.44 9.05 4.07
C VAL A 45 -16.44 8.89 2.91
N GLN A 46 -15.78 9.98 2.54
CA GLN A 46 -14.73 9.91 1.52
C GLN A 46 -13.54 9.08 2.01
N LYS A 47 -13.15 9.34 3.26
CA LYS A 47 -12.09 8.54 3.86
C LYS A 47 -12.49 7.07 3.95
N LYS A 48 -13.73 6.80 4.41
CA LYS A 48 -14.21 5.42 4.44
C LYS A 48 -14.17 4.79 3.03
N ALA A 49 -14.58 5.56 2.02
CA ALA A 49 -14.52 5.10 0.64
C ALA A 49 -13.10 4.72 0.22
N LEU A 50 -12.11 5.51 0.62
CA LEU A 50 -10.72 5.14 0.30
C LEU A 50 -10.25 3.88 1.04
N TYR A 51 -10.66 3.74 2.30
CA TYR A 51 -10.39 2.46 2.97
C TYR A 51 -11.04 1.29 2.21
N PHE A 52 -12.25 1.50 1.70
CA PHE A 52 -12.85 0.49 0.82
C PHE A 52 -12.02 0.25 -0.45
N VAL A 53 -11.56 1.34 -1.09
CA VAL A 53 -10.72 1.21 -2.28
C VAL A 53 -9.53 0.28 -2.00
N ASN A 54 -8.91 0.40 -0.82
CA ASN A 54 -7.85 -0.58 -0.50
C ASN A 54 -8.27 -2.09 -0.59
N ARG A 55 -9.36 -2.42 0.10
CA ARG A 55 -9.84 -3.80 0.15
C ARG A 55 -10.25 -4.27 -1.24
N ARG A 56 -10.90 -3.38 -1.97
CA ARG A 56 -11.34 -3.70 -3.32
C ARG A 56 -10.16 -3.89 -4.27
N TYR A 57 -9.09 -3.09 -4.10
CA TYR A 57 -7.93 -3.26 -4.98
C TYR A 57 -7.37 -4.66 -4.75
N MET A 58 -7.29 -5.06 -3.47
CA MET A 58 -6.86 -6.45 -3.21
C MET A 58 -7.78 -7.49 -3.89
N GLN A 59 -9.09 -7.33 -3.75
CA GLN A 59 -10.02 -8.26 -4.43
C GLN A 59 -9.80 -8.33 -5.93
N THR A 60 -9.75 -7.18 -6.55
CA THR A 60 -9.60 -7.08 -7.99
C THR A 60 -8.32 -7.74 -8.45
N HIS A 61 -7.23 -7.49 -7.74
CA HIS A 61 -5.94 -7.98 -8.17
C HIS A 61 -5.45 -9.27 -7.52
N TRP A 62 -6.27 -9.86 -6.66
CA TRP A 62 -5.90 -11.15 -6.05
C TRP A 62 -5.33 -12.19 -7.03
N ALA A 63 -6.00 -12.40 -8.16
CA ALA A 63 -5.52 -13.39 -9.13
C ALA A 63 -4.11 -13.10 -9.64
N ASN A 64 -3.78 -11.84 -9.94
CA ASN A 64 -2.43 -11.56 -10.44
C ASN A 64 -1.45 -11.52 -9.25
N TYR A 65 -1.94 -11.20 -8.05
CA TYR A 65 -1.05 -11.36 -6.90
C TYR A 65 -0.69 -12.83 -6.73
N MET A 66 -1.64 -13.73 -6.94
CA MET A 66 -1.36 -15.16 -6.76
C MET A 66 -0.29 -15.67 -7.74
N LEU A 67 -0.28 -15.18 -8.98
CA LEU A 67 0.82 -15.53 -9.91
C LEU A 67 2.17 -15.19 -9.31
N TRP A 68 2.25 -13.98 -8.78
CA TRP A 68 3.50 -13.46 -8.23
C TRP A 68 3.90 -14.27 -6.99
N ILE A 69 2.91 -14.47 -6.13
CA ILE A 69 3.11 -15.24 -4.91
C ILE A 69 3.62 -16.65 -5.28
N ASN A 70 2.93 -17.32 -6.19
CA ASN A 70 3.31 -18.69 -6.57
C ASN A 70 4.72 -18.72 -7.14
N LYS A 71 5.04 -17.75 -8.00
CA LYS A 71 6.42 -17.64 -8.48
C LYS A 71 7.43 -17.51 -7.34
N LYS A 72 7.15 -16.62 -6.38
CA LYS A 72 8.05 -16.46 -5.25
C LYS A 72 8.13 -17.73 -4.37
N ILE A 73 6.99 -18.37 -4.14
CA ILE A 73 6.94 -19.54 -3.26
C ILE A 73 7.73 -20.67 -3.93
N ASP A 74 7.51 -20.88 -5.23
CA ASP A 74 8.21 -21.96 -5.91
C ASP A 74 9.73 -21.79 -5.87
N ALA A 75 10.20 -20.55 -5.73
CA ALA A 75 11.63 -20.22 -5.69
C ALA A 75 12.25 -20.18 -4.27
N LEU A 76 11.49 -20.52 -3.24
CA LEU A 76 11.97 -20.43 -1.84
C LEU A 76 13.10 -21.36 -1.48
N GLY A 77 13.22 -22.45 -2.24
CA GLY A 77 14.19 -23.47 -1.97
C GLY A 77 13.77 -24.39 -0.83
N ARG A 78 12.47 -24.42 -0.58
CA ARG A 78 11.88 -25.32 0.41
C ARG A 78 10.37 -25.17 0.38
N THR A 79 9.70 -26.00 1.16
CA THR A 79 8.25 -25.90 1.34
C THR A 79 7.97 -24.62 2.12
N PRO A 80 6.91 -23.89 1.75
CA PRO A 80 6.58 -22.69 2.53
C PRO A 80 5.89 -22.96 3.88
N VAL A 81 5.98 -21.98 4.76
CA VAL A 81 5.24 -21.95 6.01
C VAL A 81 4.50 -20.60 6.04
N VAL A 82 3.54 -20.47 6.95
CA VAL A 82 2.68 -19.28 6.95
C VAL A 82 3.47 -17.95 6.98
N GLY A 83 4.61 -17.95 7.66
CA GLY A 83 5.45 -16.77 7.74
C GLY A 83 5.93 -16.25 6.39
N ASP A 84 6.11 -17.17 5.45
CA ASP A 84 6.51 -16.82 4.11
C ASP A 84 5.38 -15.99 3.47
N TYR A 85 4.13 -16.40 3.72
CA TYR A 85 2.99 -15.69 3.16
C TYR A 85 2.81 -14.36 3.88
N THR A 86 3.10 -14.33 5.18
CA THR A 86 3.09 -13.04 5.88
C THR A 86 4.08 -12.06 5.23
N ARG A 87 5.29 -12.54 5.02
CA ARG A 87 6.32 -11.70 4.39
C ARG A 87 5.91 -11.23 2.98
N LEU A 88 5.47 -12.16 2.14
CA LEU A 88 5.09 -11.79 0.78
C LEU A 88 3.89 -10.83 0.76
N GLY A 89 2.93 -11.10 1.64
CA GLY A 89 1.79 -10.23 1.81
C GLY A 89 2.22 -8.82 2.19
N ALA A 90 3.17 -8.73 3.13
CA ALA A 90 3.68 -7.42 3.53
C ALA A 90 4.41 -6.70 2.38
N GLU A 91 5.17 -7.47 1.59
CA GLU A 91 5.82 -6.87 0.43
C GLU A 91 4.81 -6.29 -0.55
N ILE A 92 3.77 -7.06 -0.85
CA ILE A 92 2.70 -6.50 -1.71
C ILE A 92 2.11 -5.27 -1.04
N GLY A 93 1.82 -5.38 0.25
CA GLY A 93 1.19 -4.29 0.98
C GLY A 93 1.98 -2.98 0.93
N ARG A 94 3.30 -3.06 1.03
CA ARG A 94 4.07 -1.82 0.90
C ARG A 94 4.47 -1.38 -0.51
N ARG A 95 4.56 -2.31 -1.46
N ARG A 95 4.54 -2.31 -1.47
CA ARG A 95 5.02 -1.94 -2.80
CA ARG A 95 5.00 -1.93 -2.81
C ARG A 95 3.96 -1.33 -3.72
C ARG A 95 3.95 -1.34 -3.73
N ILE A 96 2.69 -1.73 -3.60
CA ILE A 96 1.65 -1.19 -4.46
C ILE A 96 1.47 0.29 -4.16
N ASP A 97 1.55 1.15 -5.18
CA ASP A 97 1.55 2.57 -4.85
C ASP A 97 0.12 3.03 -5.03
N MET A 98 -0.62 3.02 -3.91
CA MET A 98 -2.04 3.29 -3.96
C MET A 98 -2.24 4.78 -4.00
N ALA A 99 -1.23 5.52 -3.57
CA ALA A 99 -1.31 6.99 -3.57
C ALA A 99 -1.59 7.54 -4.97
N TYR A 100 -1.18 6.83 -6.02
CA TYR A 100 -1.55 7.28 -7.35
C TYR A 100 -3.06 7.34 -7.52
N PHE A 101 -3.78 6.40 -6.91
CA PHE A 101 -5.24 6.42 -6.99
C PHE A 101 -5.81 7.42 -5.99
N TYR A 102 -5.24 7.49 -4.79
CA TYR A 102 -5.76 8.45 -3.82
C TYR A 102 -5.68 9.86 -4.41
N ASP A 103 -4.53 10.21 -4.97
CA ASP A 103 -4.34 11.56 -5.50
C ASP A 103 -5.28 11.80 -6.68
N PHE A 104 -5.37 10.82 -7.58
CA PHE A 104 -6.24 10.96 -8.75
C PHE A 104 -7.70 11.14 -8.33
N LEU A 105 -8.15 10.29 -7.43
CA LEU A 105 -9.56 10.31 -7.02
C LEU A 105 -9.90 11.64 -6.35
N LYS A 106 -9.03 12.12 -5.47
CA LYS A 106 -9.28 13.41 -4.81
C LYS A 106 -9.22 14.56 -5.82
N ASP A 107 -8.15 14.60 -6.61
CA ASP A 107 -7.92 15.70 -7.55
C ASP A 107 -9.04 15.85 -8.58
N LYS A 108 -9.57 14.71 -9.04
CA LYS A 108 -10.62 14.71 -10.06
C LYS A 108 -12.02 14.63 -9.46
N ASN A 109 -12.13 14.69 -8.14
CA ASN A 109 -13.42 14.58 -7.44
C ASN A 109 -14.13 13.29 -7.78
N MET A 110 -13.36 12.23 -7.94
CA MET A 110 -13.88 10.91 -8.22
C MET A 110 -13.93 9.93 -7.05
N ILE A 111 -13.64 10.37 -5.82
CA ILE A 111 -13.75 9.48 -4.68
C ILE A 111 -15.16 8.90 -4.70
N PRO A 112 -15.26 7.56 -4.71
CA PRO A 112 -16.59 6.98 -4.93
C PRO A 112 -17.60 7.31 -3.84
N LYS A 113 -18.85 7.47 -4.25
CA LYS A 113 -19.95 7.59 -3.31
C LYS A 113 -19.97 6.36 -2.42
N TYR A 114 -20.11 6.57 -1.11
CA TYR A 114 -20.00 5.47 -0.18
C TYR A 114 -21.32 4.71 -0.11
N LEU A 115 -21.28 3.42 -0.47
CA LEU A 115 -22.50 2.62 -0.63
C LEU A 115 -22.48 1.43 0.33
N PRO A 116 -23.66 0.82 0.59
CA PRO A 116 -23.72 -0.28 1.55
C PRO A 116 -22.73 -1.43 1.29
N TYR A 117 -22.51 -1.83 0.04
CA TYR A 117 -21.59 -2.96 -0.23
C TYR A 117 -20.16 -2.62 0.21
N MET A 118 -19.84 -1.33 0.14
CA MET A 118 -18.53 -0.85 0.57
C MET A 118 -18.41 -0.92 2.08
N GLU A 119 -19.44 -0.44 2.79
CA GLU A 119 -19.46 -0.50 4.25
C GLU A 119 -19.38 -1.96 4.70
N GLU A 120 -20.13 -2.82 4.02
CA GLU A 120 -20.11 -4.24 4.34
C GLU A 120 -18.67 -4.74 4.23
N ILE A 121 -18.00 -4.41 3.13
CA ILE A 121 -16.59 -4.82 3.03
C ILE A 121 -15.71 -4.15 4.09
N ASN A 122 -15.94 -2.89 4.40
CA ASN A 122 -15.14 -2.21 5.41
C ASN A 122 -15.33 -2.75 6.82
N ARG A 123 -16.52 -3.28 7.12
CA ARG A 123 -16.79 -3.82 8.46
C ARG A 123 -16.22 -5.22 8.69
N MET A 124 -15.92 -5.95 7.61
CA MET A 124 -15.34 -7.28 7.72
C MET A 124 -13.96 -7.30 8.36
N ARG A 125 -13.61 -8.42 8.99
CA ARG A 125 -12.21 -8.67 9.28
C ARG A 125 -11.46 -8.75 7.97
N PRO A 126 -10.26 -8.14 7.91
CA PRO A 126 -9.45 -8.33 6.71
C PRO A 126 -9.27 -9.80 6.34
N ALA A 127 -9.12 -10.65 7.35
CA ALA A 127 -9.00 -12.08 7.11
C ALA A 127 -10.20 -12.64 6.37
N ASP A 128 -11.35 -11.99 6.49
CA ASP A 128 -12.59 -12.52 5.92
C ASP A 128 -13.01 -11.91 4.58
N VAL A 129 -12.23 -10.95 4.07
CA VAL A 129 -12.57 -10.33 2.81
C VAL A 129 -12.50 -11.39 1.73
N PRO A 130 -13.60 -11.60 0.99
CA PRO A 130 -13.64 -12.68 0.00
C PRO A 130 -12.78 -12.39 -1.21
N VAL A 131 -12.03 -13.40 -1.64
CA VAL A 131 -11.20 -13.27 -2.83
C VAL A 131 -11.54 -14.41 -3.78
N LYS A 132 -11.31 -14.19 -5.07
CA LYS A 132 -11.59 -15.19 -6.09
C LYS A 132 -10.32 -15.63 -6.78
N TYR A 133 -10.06 -16.93 -6.71
CA TYR A 133 -8.95 -17.54 -7.42
C TYR A 133 -9.39 -17.78 -8.87
N MET A 134 -8.44 -17.75 -9.81
CA MET A 134 -8.77 -17.99 -11.22
C MET A 134 -7.93 -19.12 -11.80
N ALA B 6 -20.48 -4.65 -17.38
CA ALA B 6 -19.17 -4.00 -17.50
C ALA B 6 -19.14 -3.01 -18.65
N ALA B 7 -20.32 -2.53 -19.03
CA ALA B 7 -20.41 -1.53 -20.09
C ALA B 7 -19.71 -0.23 -19.68
N ASP B 8 -19.60 -0.01 -18.37
CA ASP B 8 -19.07 1.26 -17.88
C ASP B 8 -17.61 1.13 -17.42
N TRP B 9 -16.71 1.66 -18.22
CA TRP B 9 -15.28 1.65 -17.91
C TRP B 9 -14.61 2.80 -18.61
N ASP B 10 -13.46 3.19 -18.10
CA ASP B 10 -12.70 4.24 -18.76
C ASP B 10 -11.25 4.16 -18.31
N VAL B 11 -10.39 4.84 -19.07
CA VAL B 11 -8.99 4.98 -18.69
C VAL B 11 -8.69 6.44 -18.61
N TYR B 12 -7.89 6.80 -17.61
CA TYR B 12 -7.53 8.18 -17.35
C TYR B 12 -6.03 8.24 -17.46
N CYS B 13 -5.59 8.87 -18.54
CA CYS B 13 -4.18 8.89 -18.95
C CYS B 13 -3.41 10.00 -18.26
N SER B 14 -2.11 9.83 -18.10
CA SER B 14 -1.32 10.89 -17.50
C SER B 14 -0.65 11.71 -18.60
N GLN B 15 0.00 12.79 -18.20
CA GLN B 15 0.80 13.60 -19.13
C GLN B 15 2.29 13.30 -19.01
N ASP B 16 2.65 12.35 -18.17
CA ASP B 16 4.05 12.03 -17.91
C ASP B 16 4.22 10.52 -17.79
N GLU B 17 5.21 9.97 -18.49
CA GLU B 17 5.45 8.54 -18.46
C GLU B 17 5.73 8.03 -17.05
N SER B 18 6.14 8.92 -16.15
CA SER B 18 6.47 8.50 -14.79
C SER B 18 5.21 8.24 -13.95
N ILE B 19 4.06 8.71 -14.43
CA ILE B 19 2.81 8.60 -13.67
C ILE B 19 1.92 7.61 -14.41
N PRO B 20 1.55 6.52 -13.74
CA PRO B 20 0.72 5.51 -14.42
C PRO B 20 -0.68 6.00 -14.76
N ALA B 21 -1.27 5.38 -15.77
CA ALA B 21 -2.65 5.65 -16.10
C ALA B 21 -3.53 4.91 -15.10
N LYS B 22 -4.76 5.39 -14.96
CA LYS B 22 -5.74 4.73 -14.10
C LYS B 22 -6.89 4.17 -14.89
N PHE B 23 -7.16 2.88 -14.71
CA PHE B 23 -8.28 2.21 -15.37
C PHE B 23 -9.33 1.97 -14.31
N ILE B 24 -10.56 2.40 -14.62
CA ILE B 24 -11.67 2.24 -13.69
C ILE B 24 -12.85 1.63 -14.42
N SER B 25 -13.41 0.59 -13.82
CA SER B 25 -14.60 -0.05 -14.37
C SER B 25 -15.63 -0.16 -13.27
N ARG B 26 -16.89 -0.18 -13.68
CA ARG B 26 -17.99 -0.34 -12.74
C ARG B 26 -18.89 -1.43 -13.29
N LEU B 27 -19.03 -2.52 -12.52
CA LEU B 27 -19.77 -3.69 -12.97
C LEU B 27 -21.13 -3.78 -12.26
N VAL B 28 -22.20 -3.92 -13.06
CA VAL B 28 -23.54 -4.14 -12.55
C VAL B 28 -24.05 -5.51 -12.98
N THR B 29 -24.91 -6.10 -12.15
CA THR B 29 -25.65 -7.31 -12.48
C THR B 29 -26.16 -7.97 -11.21
N ALA B 34 -23.13 -13.50 -17.19
CA ALA B 34 -22.18 -13.50 -16.08
C ALA B 34 -20.74 -13.44 -16.60
N LEU B 35 -19.91 -12.68 -15.91
CA LEU B 35 -18.52 -12.47 -16.32
C LEU B 35 -17.62 -13.50 -15.65
N GLU B 36 -17.07 -14.41 -16.46
CA GLU B 36 -16.24 -15.49 -15.94
C GLU B 36 -14.78 -15.07 -15.76
N LYS B 37 -14.26 -14.29 -16.71
CA LYS B 37 -12.84 -14.01 -16.74
C LYS B 37 -12.53 -12.64 -17.34
N THR B 38 -11.55 -11.95 -16.77
CA THR B 38 -11.01 -10.73 -17.37
C THR B 38 -9.50 -10.86 -17.43
N GLU B 39 -8.96 -10.69 -18.64
CA GLU B 39 -7.52 -10.75 -18.88
C GLU B 39 -7.06 -9.52 -19.61
N ILE B 40 -6.05 -8.87 -19.05
CA ILE B 40 -5.44 -7.70 -19.66
C ILE B 40 -4.18 -8.12 -20.38
N ASN B 41 -4.09 -7.78 -21.67
CA ASN B 41 -2.94 -8.14 -22.46
C ASN B 41 -1.94 -7.00 -22.43
N CYS B 42 -0.88 -7.16 -21.63
CA CYS B 42 0.09 -6.08 -21.37
C CYS B 42 1.42 -6.47 -21.95
N SER B 43 2.30 -5.48 -22.16
CA SER B 43 3.60 -5.72 -22.76
C SER B 43 4.41 -6.70 -21.91
N ASN B 44 4.16 -6.72 -20.60
CA ASN B 44 4.92 -7.62 -19.73
C ASN B 44 4.14 -8.91 -19.46
N GLY B 45 2.99 -9.07 -20.10
CA GLY B 45 2.30 -10.34 -20.00
C GLY B 45 0.79 -10.24 -19.92
N LEU B 46 0.18 -11.40 -19.74
CA LEU B 46 -1.25 -11.51 -19.58
C LEU B 46 -1.58 -11.39 -18.09
N VAL B 47 -2.33 -10.36 -17.75
CA VAL B 47 -2.62 -10.03 -16.36
C VAL B 47 -4.08 -10.27 -16.05
N PRO B 48 -4.37 -11.31 -15.25
CA PRO B 48 -5.75 -11.56 -14.84
C PRO B 48 -6.27 -10.59 -13.81
N ILE B 49 -7.51 -10.13 -13.94
CA ILE B 49 -8.12 -9.37 -12.86
C ILE B 49 -9.54 -9.86 -12.65
N THR B 50 -10.05 -9.64 -11.44
CA THR B 50 -11.43 -10.02 -11.14
C THR B 50 -12.24 -8.75 -11.00
N GLN B 51 -13.21 -8.56 -11.87
CA GLN B 51 -14.03 -7.37 -11.74
C GLN B 51 -15.20 -7.75 -10.85
N GLU B 52 -15.14 -7.24 -9.62
CA GLU B 52 -16.17 -7.48 -8.61
C GLU B 52 -17.34 -6.56 -8.88
N PHE B 53 -18.51 -6.92 -8.35
CA PHE B 53 -19.65 -6.02 -8.41
C PHE B 53 -19.25 -4.65 -7.89
N GLY B 54 -19.69 -3.61 -8.59
CA GLY B 54 -19.32 -2.27 -8.22
C GLY B 54 -18.03 -1.84 -8.88
N ILE B 55 -17.27 -0.98 -8.20
CA ILE B 55 -16.12 -0.33 -8.81
C ILE B 55 -14.86 -1.20 -8.75
N ASN B 56 -14.06 -1.12 -9.81
CA ASN B 56 -12.78 -1.80 -9.88
C ASN B 56 -11.76 -0.85 -10.47
N MET B 57 -10.54 -0.94 -9.96
CA MET B 57 -9.47 -0.01 -10.32
C MET B 57 -8.20 -0.75 -10.66
N MET B 58 -7.43 -0.23 -11.61
CA MET B 58 -6.15 -0.82 -11.94
C MET B 58 -5.17 0.26 -12.44
N LEU B 59 -3.92 0.17 -12.02
CA LEU B 59 -2.88 1.06 -12.54
C LEU B 59 -2.28 0.45 -13.80
N ILE B 60 -1.95 1.31 -14.77
CA ILE B 60 -1.20 0.84 -15.94
C ILE B 60 0.01 1.73 -16.14
N GLN B 61 1.19 1.12 -16.01
CA GLN B 61 2.44 1.86 -16.15
C GLN B 61 2.85 2.03 -17.59
N TYR B 62 3.50 3.16 -17.85
CA TYR B 62 4.09 3.44 -19.17
C TYR B 62 5.50 2.85 -19.34
N THR B 63 6.18 2.60 -18.24
CA THR B 63 7.55 2.13 -18.26
C THR B 63 7.64 0.77 -17.57
N ARG B 64 8.64 -0.01 -17.92
CA ARG B 64 8.83 -1.35 -17.37
C ARG B 64 10.20 -1.44 -16.71
N ASN B 65 10.21 -1.86 -15.44
CA ASN B 65 11.43 -2.36 -14.83
C ASN B 65 11.09 -3.63 -14.08
N GLU B 66 11.48 -4.78 -14.61
CA GLU B 66 11.01 -6.04 -14.04
C GLU B 66 11.56 -6.24 -12.65
N LEU B 67 12.71 -5.64 -12.38
CA LEU B 67 13.33 -5.76 -11.06
C LEU B 67 12.62 -4.95 -9.99
N LEU B 68 12.28 -3.69 -10.31
CA LEU B 68 11.70 -2.79 -9.32
C LEU B 68 10.17 -2.56 -9.36
N ASP B 69 9.49 -3.06 -10.39
CA ASP B 69 8.06 -2.80 -10.51
C ASP B 69 7.29 -3.52 -9.40
N SER B 70 6.14 -2.97 -9.01
CA SER B 70 5.34 -3.60 -7.98
C SER B 70 4.66 -4.89 -8.50
N PRO B 71 4.35 -5.82 -7.60
CA PRO B 71 3.74 -7.10 -8.01
C PRO B 71 2.45 -6.93 -8.80
N GLY B 72 2.37 -7.65 -9.90
CA GLY B 72 1.15 -7.67 -10.70
C GLY B 72 0.97 -6.47 -11.61
N MET B 73 1.97 -5.60 -11.71
CA MET B 73 1.82 -4.41 -12.53
C MET B 73 1.55 -4.74 -14.00
N CYS B 74 0.68 -3.97 -14.62
CA CYS B 74 0.45 -4.05 -16.06
C CYS B 74 1.16 -2.89 -16.73
N VAL B 75 1.92 -3.17 -17.79
CA VAL B 75 2.65 -2.13 -18.50
C VAL B 75 2.07 -2.01 -19.91
N PHE B 76 1.84 -0.79 -20.36
CA PHE B 76 1.36 -0.55 -21.72
C PHE B 76 2.30 -1.15 -22.78
N TRP B 77 1.72 -1.57 -23.91
CA TRP B 77 2.48 -1.74 -25.14
C TRP B 77 2.79 -0.35 -25.68
N GLY B 78 3.89 -0.22 -26.42
CA GLY B 78 4.34 1.06 -26.94
C GLY B 78 5.64 1.58 -26.34
N PRO B 79 6.01 2.82 -26.68
CA PRO B 79 5.24 3.81 -27.44
C PRO B 79 5.19 3.52 -28.93
N TYR B 80 4.09 3.90 -29.57
CA TYR B 80 3.96 3.75 -31.01
C TYR B 80 3.86 5.11 -31.65
N SER B 81 4.54 5.30 -32.78
CA SER B 81 4.33 6.47 -33.59
C SER B 81 2.97 6.36 -34.26
N VAL B 82 2.31 7.51 -34.39
CA VAL B 82 1.01 7.63 -35.03
C VAL B 82 1.14 8.36 -36.35
N PRO B 83 0.54 7.84 -37.43
CA PRO B 83 0.78 8.55 -38.69
C PRO B 83 0.16 9.95 -38.68
N LYS B 84 0.86 10.91 -39.29
CA LYS B 84 0.33 12.25 -39.51
C LYS B 84 0.18 13.07 -38.21
N ASN B 85 0.72 12.55 -37.12
CA ASN B 85 0.64 13.24 -35.83
C ASN B 85 1.94 13.06 -35.09
N ASP B 86 2.76 14.10 -35.12
CA ASP B 86 4.10 14.00 -34.55
C ASP B 86 4.18 14.56 -33.12
N THR B 87 3.05 15.03 -32.59
CA THR B 87 3.04 15.61 -31.26
C THR B 87 2.80 14.60 -30.14
N VAL B 88 2.35 13.39 -30.50
CA VAL B 88 2.02 12.37 -29.49
C VAL B 88 2.53 11.00 -29.89
N VAL B 89 2.58 10.10 -28.91
CA VAL B 89 2.79 8.69 -29.19
C VAL B 89 1.68 7.92 -28.50
N LEU B 90 1.46 6.69 -28.94
CA LEU B 90 0.37 5.87 -28.44
C LEU B 90 0.89 4.76 -27.53
N TYR B 91 0.22 4.62 -26.39
CA TYR B 91 0.42 3.48 -25.51
C TYR B 91 -0.90 2.76 -25.44
N THR B 92 -0.89 1.43 -25.42
CA THR B 92 -2.17 0.73 -25.39
C THR B 92 -2.03 -0.65 -24.77
N VAL B 93 -3.15 -1.12 -24.20
CA VAL B 93 -3.32 -2.53 -23.88
C VAL B 93 -4.70 -2.89 -24.38
N THR B 94 -4.98 -4.19 -24.44
CA THR B 94 -6.32 -4.69 -24.75
C THR B 94 -6.80 -5.56 -23.61
N ALA B 95 -8.11 -5.72 -23.50
CA ALA B 95 -8.69 -6.58 -22.47
C ALA B 95 -9.67 -7.54 -23.11
N ARG B 96 -9.63 -8.79 -22.65
CA ARG B 96 -10.58 -9.80 -23.10
C ARG B 96 -11.45 -10.24 -21.94
N LEU B 97 -12.76 -10.13 -22.14
CA LEU B 97 -13.75 -10.49 -21.14
C LEU B 97 -14.52 -11.71 -21.60
N LYS B 98 -14.42 -12.79 -20.83
CA LYS B 98 -15.13 -14.03 -21.13
C LYS B 98 -16.39 -14.14 -20.28
N TRP B 99 -17.50 -14.42 -20.97
CA TRP B 99 -18.81 -14.48 -20.36
C TRP B 99 -19.27 -15.94 -20.29
N SER B 100 -20.10 -16.24 -19.30
CA SER B 100 -20.64 -17.58 -19.12
C SER B 100 -21.31 -18.06 -20.40
N GLU B 101 -22.18 -17.22 -20.95
CA GLU B 101 -22.82 -17.52 -22.23
C GLU B 101 -22.65 -16.32 -23.18
N GLY B 102 -22.14 -16.61 -24.37
CA GLY B 102 -21.94 -15.61 -25.40
C GLY B 102 -20.48 -15.48 -25.77
N PRO B 103 -20.20 -14.76 -26.88
CA PRO B 103 -18.82 -14.61 -27.29
C PRO B 103 -18.08 -13.60 -26.40
N PRO B 104 -16.77 -13.79 -26.22
CA PRO B 104 -16.02 -12.85 -25.39
C PRO B 104 -16.09 -11.43 -25.95
N THR B 105 -15.88 -10.44 -25.09
CA THR B 105 -15.82 -9.06 -25.59
C THR B 105 -14.39 -8.56 -25.45
N ASN B 106 -13.99 -7.67 -26.35
CA ASN B 106 -12.63 -7.17 -26.39
C ASN B 106 -12.61 -5.65 -26.28
N LEU B 107 -11.74 -5.15 -25.40
CA LEU B 107 -11.59 -3.73 -25.17
C LEU B 107 -10.22 -3.25 -25.60
N SER B 108 -10.21 -2.03 -26.12
CA SER B 108 -8.97 -1.33 -26.43
C SER B 108 -8.80 -0.18 -25.44
N ILE B 109 -7.70 -0.24 -24.70
CA ILE B 109 -7.37 0.75 -23.70
C ILE B 109 -6.19 1.54 -24.23
N GLN B 110 -6.47 2.78 -24.60
CA GLN B 110 -5.50 3.64 -25.30
C GLN B 110 -5.18 4.90 -24.54
N CYS B 111 -3.89 5.26 -24.54
CA CYS B 111 -3.43 6.51 -23.96
C CYS B 111 -2.44 7.20 -24.90
N TYR B 112 -2.72 8.45 -25.26
CA TYR B 112 -1.76 9.22 -26.06
C TYR B 112 -0.89 10.05 -25.13
N MET B 113 0.40 10.00 -25.35
CA MET B 113 1.37 10.72 -24.53
C MET B 113 2.00 11.82 -25.39
N PRO B 114 2.03 13.06 -24.89
CA PRO B 114 2.75 14.09 -25.65
C PRO B 114 4.23 13.76 -25.77
N LYS B 115 4.82 14.06 -26.91
CA LYS B 115 6.25 13.83 -27.12
C LYS B 115 7.12 14.94 -26.53
N SER B 116 8.37 14.61 -26.25
CA SER B 116 9.38 15.56 -25.78
C SER B 116 9.34 16.84 -26.61
N PHE C 10 19.11 -17.12 -52.91
CA PHE C 10 18.08 -17.89 -52.22
C PHE C 10 17.37 -18.84 -53.19
N LEU C 11 16.58 -18.27 -54.09
CA LEU C 11 15.77 -19.04 -55.01
C LEU C 11 16.43 -19.12 -56.39
N ASN C 12 16.47 -20.31 -56.99
CA ASN C 12 17.05 -20.48 -58.32
C ASN C 12 16.39 -19.51 -59.28
N LYS C 13 17.20 -18.89 -60.14
CA LYS C 13 16.73 -17.81 -60.99
C LYS C 13 15.57 -18.21 -61.91
N ALA C 14 15.61 -19.42 -62.44
CA ALA C 14 14.55 -19.91 -63.32
C ALA C 14 13.21 -19.92 -62.61
N PHE C 15 13.25 -20.30 -61.33
CA PHE C 15 12.06 -20.36 -60.49
C PHE C 15 11.49 -18.96 -60.25
N GLU C 16 12.40 -18.05 -59.89
CA GLU C 16 12.05 -16.65 -59.68
C GLU C 16 11.39 -16.10 -60.93
N VAL C 17 12.02 -16.33 -62.08
CA VAL C 17 11.49 -15.82 -63.34
C VAL C 17 10.09 -16.39 -63.57
N ALA C 18 9.92 -17.70 -63.44
CA ALA C 18 8.60 -18.29 -63.60
C ALA C 18 7.54 -17.57 -62.74
N LEU C 19 7.87 -17.40 -61.45
CA LEU C 19 6.98 -16.68 -60.55
C LEU C 19 6.62 -15.29 -61.06
N LYS C 20 7.64 -14.48 -61.31
CA LYS C 20 7.41 -13.08 -61.67
C LYS C 20 6.60 -12.96 -62.98
N VAL C 21 6.98 -13.76 -63.97
CA VAL C 21 6.30 -13.72 -65.25
C VAL C 21 4.82 -14.02 -65.05
N GLN C 22 4.51 -15.07 -64.30
CA GLN C 22 3.10 -15.41 -64.12
C GLN C 22 2.34 -14.39 -63.24
N ILE C 23 3.00 -13.90 -62.21
CA ILE C 23 2.32 -12.93 -61.33
C ILE C 23 1.95 -11.70 -62.13
N ILE C 24 2.93 -11.13 -62.82
CA ILE C 24 2.70 -9.90 -63.57
C ILE C 24 1.68 -10.15 -64.70
N ALA C 25 1.79 -11.30 -65.38
CA ALA C 25 0.79 -11.63 -66.40
C ALA C 25 -0.64 -11.67 -65.82
N GLY C 26 -0.79 -12.28 -64.64
CA GLY C 26 -2.09 -12.32 -63.98
C GLY C 26 -2.63 -10.95 -63.58
N PHE C 27 -1.77 -10.16 -62.95
CA PHE C 27 -2.17 -8.80 -62.59
C PHE C 27 -2.59 -8.04 -63.85
N ASP C 28 -1.78 -8.13 -64.91
CA ASP C 28 -2.08 -7.43 -66.15
C ASP C 28 -3.41 -7.90 -66.77
N ARG C 29 -3.69 -9.21 -66.75
CA ARG C 29 -5.00 -9.69 -67.25
C ARG C 29 -6.16 -9.05 -66.50
N GLY C 30 -6.03 -9.03 -65.17
CA GLY C 30 -7.00 -8.32 -64.36
C GLY C 30 -7.15 -6.85 -64.71
N LEU C 31 -6.02 -6.16 -64.94
CA LEU C 31 -6.11 -4.75 -65.30
C LEU C 31 -6.80 -4.56 -66.67
N VAL C 32 -6.49 -5.40 -67.64
CA VAL C 32 -7.16 -5.32 -68.95
C VAL C 32 -8.68 -5.45 -68.77
N LYS C 33 -9.06 -6.45 -68.00
CA LYS C 33 -10.46 -6.67 -67.66
C LYS C 33 -11.10 -5.43 -67.05
N TRP C 34 -10.43 -4.86 -66.06
CA TRP C 34 -10.95 -3.66 -65.41
C TRP C 34 -11.00 -2.45 -66.35
N LEU C 35 -9.97 -2.29 -67.18
CA LEU C 35 -9.90 -1.17 -68.11
C LEU C 35 -10.99 -1.22 -69.19
N ARG C 36 -11.35 -2.41 -69.64
CA ARG C 36 -12.45 -2.47 -70.61
C ARG C 36 -13.70 -1.78 -70.06
N VAL C 37 -13.97 -1.95 -68.76
CA VAL C 37 -15.09 -1.26 -68.12
C VAL C 37 -14.81 0.21 -67.76
N HIS C 38 -13.68 0.45 -67.11
CA HIS C 38 -13.36 1.76 -66.53
C HIS C 38 -12.34 2.63 -67.26
N GLY C 39 -11.79 2.16 -68.37
CA GLY C 39 -10.65 2.81 -68.99
C GLY C 39 -10.94 3.99 -69.88
N ARG C 40 -12.21 4.17 -70.24
CA ARG C 40 -12.60 5.14 -71.26
C ARG C 40 -12.12 6.56 -70.95
N THR C 41 -12.23 6.96 -69.69
CA THR C 41 -11.90 8.34 -69.31
C THR C 41 -10.46 8.51 -68.84
N LEU C 42 -9.69 7.44 -68.83
CA LEU C 42 -8.31 7.52 -68.36
C LEU C 42 -7.37 7.90 -69.50
N SER C 43 -6.40 8.73 -69.15
CA SER C 43 -5.31 9.09 -70.05
C SER C 43 -4.33 7.95 -70.22
N THR C 44 -3.52 8.04 -71.27
CA THR C 44 -2.48 7.07 -71.53
C THR C 44 -1.52 6.91 -70.34
N VAL C 45 -1.09 8.03 -69.76
CA VAL C 45 -0.14 7.96 -68.66
C VAL C 45 -0.77 7.36 -67.39
N GLN C 46 -2.07 7.58 -67.18
CA GLN C 46 -2.78 6.98 -66.04
C GLN C 46 -2.80 5.45 -66.17
N LYS C 47 -3.09 4.98 -67.38
CA LYS C 47 -3.07 3.55 -67.66
C LYS C 47 -1.68 2.97 -67.47
N LYS C 48 -0.66 3.65 -67.99
CA LYS C 48 0.72 3.21 -67.76
C LYS C 48 1.04 3.16 -66.26
N ALA C 49 0.57 4.17 -65.53
CA ALA C 49 0.76 4.20 -64.08
C ALA C 49 0.13 2.97 -63.42
N LEU C 50 -1.05 2.55 -63.87
CA LEU C 50 -1.64 1.33 -63.31
C LEU C 50 -0.86 0.06 -63.66
N TYR C 51 -0.35 -0.02 -64.90
CA TYR C 51 0.55 -1.15 -65.19
C TYR C 51 1.77 -1.11 -64.25
N PHE C 52 2.31 0.07 -63.97
CA PHE C 52 3.39 0.14 -62.99
C PHE C 52 2.92 -0.34 -61.61
N VAL C 53 1.73 0.08 -61.20
CA VAL C 53 1.15 -0.36 -59.93
C VAL C 53 1.20 -1.87 -59.80
N ASN C 54 0.84 -2.57 -60.88
CA ASN C 54 0.97 -4.04 -60.84
C ASN C 54 2.38 -4.56 -60.47
N ARG C 55 3.38 -4.08 -61.19
CA ARG C 55 4.75 -4.54 -60.97
C ARG C 55 5.22 -4.15 -59.57
N ARG C 56 4.85 -2.94 -59.16
CA ARG C 56 5.24 -2.46 -57.83
C ARG C 56 4.54 -3.26 -56.74
N TYR C 57 3.30 -3.67 -56.99
CA TYR C 57 2.60 -4.46 -55.97
C TYR C 57 3.36 -5.76 -55.77
N MET C 58 3.77 -6.36 -56.87
CA MET C 58 4.60 -7.57 -56.76
C MET C 58 5.89 -7.33 -55.96
N GLN C 59 6.60 -6.25 -56.28
CA GLN C 59 7.82 -5.89 -55.53
C GLN C 59 7.58 -5.73 -54.04
N THR C 60 6.58 -4.93 -53.71
CA THR C 60 6.25 -4.66 -52.31
C THR C 60 5.93 -5.95 -51.58
N HIS C 61 5.15 -6.83 -52.21
CA HIS C 61 4.71 -8.04 -51.52
C HIS C 61 5.48 -9.33 -51.78
N TRP C 62 6.55 -9.25 -52.57
CA TRP C 62 7.38 -10.43 -52.84
C TRP C 62 7.77 -11.31 -51.64
N ALA C 63 8.33 -10.73 -50.57
CA ALA C 63 8.76 -11.53 -49.41
C ALA C 63 7.58 -12.28 -48.83
N ASN C 64 6.46 -11.58 -48.85
CA ASN C 64 5.25 -12.11 -48.31
C ASN C 64 4.64 -13.19 -49.21
N TYR C 65 4.78 -13.06 -50.52
CA TYR C 65 4.40 -14.18 -51.40
C TYR C 65 5.36 -15.37 -51.20
N MET C 66 6.63 -15.07 -50.96
CA MET C 66 7.64 -16.12 -50.79
C MET C 66 7.34 -17.02 -49.61
N LEU C 67 6.86 -16.44 -48.51
CA LEU C 67 6.37 -17.30 -47.40
C LEU C 67 5.33 -18.35 -47.88
N TRP C 68 4.31 -17.88 -48.60
CA TRP C 68 3.23 -18.73 -49.08
C TRP C 68 3.75 -19.77 -50.08
N ILE C 69 4.58 -19.31 -51.01
CA ILE C 69 5.19 -20.18 -52.01
C ILE C 69 5.98 -21.30 -51.34
N ASN C 70 6.87 -20.94 -50.43
CA ASN C 70 7.69 -21.95 -49.77
C ASN C 70 6.79 -22.95 -49.05
N LYS C 71 5.78 -22.44 -48.34
CA LYS C 71 4.78 -23.33 -47.75
C LYS C 71 4.18 -24.31 -48.77
N LYS C 72 3.75 -23.78 -49.91
CA LYS C 72 3.15 -24.63 -50.95
C LYS C 72 4.14 -25.64 -51.54
N ILE C 73 5.37 -25.20 -51.77
CA ILE C 73 6.40 -26.03 -52.39
C ILE C 73 6.73 -27.19 -51.44
N ASP C 74 6.94 -26.88 -50.17
CA ASP C 74 7.31 -27.90 -49.19
C ASP C 74 6.25 -29.00 -49.09
N ALA C 75 5.01 -28.67 -49.40
CA ALA C 75 3.91 -29.61 -49.26
C ALA C 75 3.82 -30.54 -50.46
N LEU C 76 4.73 -30.36 -51.43
CA LEU C 76 4.73 -31.20 -52.61
C LEU C 76 5.26 -32.59 -52.29
N GLY C 77 6.11 -32.67 -51.26
CA GLY C 77 6.70 -33.94 -50.86
C GLY C 77 7.75 -34.43 -51.83
N ARG C 78 8.38 -33.50 -52.55
CA ARG C 78 9.39 -33.86 -53.53
C ARG C 78 10.19 -32.64 -53.93
N THR C 79 11.21 -32.83 -54.76
CA THR C 79 11.95 -31.70 -55.26
C THR C 79 11.05 -30.96 -56.24
N PRO C 80 11.04 -29.62 -56.16
CA PRO C 80 10.23 -28.84 -57.10
C PRO C 80 10.86 -28.73 -58.48
N VAL C 81 10.02 -28.44 -59.47
CA VAL C 81 10.48 -28.11 -60.81
C VAL C 81 9.85 -26.79 -61.21
N VAL C 82 10.39 -26.16 -62.26
CA VAL C 82 9.95 -24.81 -62.63
C VAL C 82 8.42 -24.75 -62.84
N GLY C 83 7.83 -25.82 -63.35
CA GLY C 83 6.39 -25.87 -63.58
C GLY C 83 5.55 -25.64 -62.33
N ASP C 84 6.09 -26.07 -61.19
CA ASP C 84 5.44 -25.87 -59.91
C ASP C 84 5.36 -24.36 -59.59
N TYR C 85 6.44 -23.66 -59.89
CA TYR C 85 6.54 -22.23 -59.64
C TYR C 85 5.68 -21.46 -60.63
N THR C 86 5.62 -21.96 -61.87
CA THR C 86 4.71 -21.38 -62.86
C THR C 86 3.27 -21.46 -62.37
N ARG C 87 2.87 -22.64 -61.91
CA ARG C 87 1.50 -22.79 -61.42
C ARG C 87 1.22 -21.87 -60.22
N LEU C 88 2.13 -21.85 -59.24
CA LEU C 88 1.93 -21.00 -58.06
C LEU C 88 1.92 -19.51 -58.40
N GLY C 89 2.81 -19.11 -59.30
CA GLY C 89 2.85 -17.75 -59.80
C GLY C 89 1.54 -17.35 -60.45
N ALA C 90 1.00 -18.27 -61.27
CA ALA C 90 -0.29 -18.02 -61.92
C ALA C 90 -1.42 -17.90 -60.90
N GLU C 91 -1.37 -18.74 -59.87
CA GLU C 91 -2.36 -18.66 -58.81
C GLU C 91 -2.32 -17.30 -58.08
N ILE C 92 -1.13 -16.84 -57.70
CA ILE C 92 -1.02 -15.50 -57.11
C ILE C 92 -1.57 -14.47 -58.10
N GLY C 93 -1.17 -14.61 -59.36
CA GLY C 93 -1.58 -13.67 -60.41
C GLY C 93 -3.08 -13.55 -60.57
N ARG C 94 -3.79 -14.66 -60.46
CA ARG C 94 -5.25 -14.59 -60.52
C ARG C 94 -5.96 -14.29 -59.19
N ARG C 95 -5.36 -14.62 -58.05
CA ARG C 95 -6.06 -14.41 -56.78
C ARG C 95 -6.00 -13.00 -56.17
N ILE C 96 -4.90 -12.28 -56.38
CA ILE C 96 -4.78 -10.93 -55.82
C ILE C 96 -5.78 -10.00 -56.46
N ASP C 97 -6.57 -9.31 -55.65
CA ASP C 97 -7.66 -8.51 -56.21
C ASP C 97 -7.15 -7.09 -56.31
N MET C 98 -6.61 -6.76 -57.48
CA MET C 98 -5.92 -5.49 -57.67
C MET C 98 -6.98 -4.42 -57.93
N ALA C 99 -8.16 -4.88 -58.33
CA ALA C 99 -9.27 -3.97 -58.61
C ALA C 99 -9.63 -3.12 -57.39
N TYR C 100 -9.38 -3.61 -56.19
CA TYR C 100 -9.60 -2.76 -55.03
C TYR C 100 -8.76 -1.49 -55.17
N PHE C 101 -7.55 -1.63 -55.69
CA PHE C 101 -6.71 -0.45 -55.87
C PHE C 101 -7.06 0.30 -57.13
N TYR C 102 -7.36 -0.39 -58.22
CA TYR C 102 -7.69 0.34 -59.44
C TYR C 102 -8.90 1.25 -59.18
N ASP C 103 -9.95 0.72 -58.56
CA ASP C 103 -11.15 1.52 -58.29
C ASP C 103 -10.91 2.66 -57.32
N PHE C 104 -10.20 2.37 -56.24
CA PHE C 104 -9.88 3.36 -55.23
C PHE C 104 -9.06 4.51 -55.85
N LEU C 105 -8.04 4.18 -56.61
CA LEU C 105 -7.19 5.22 -57.20
C LEU C 105 -7.96 6.07 -58.22
N LYS C 106 -8.77 5.44 -59.05
CA LYS C 106 -9.58 6.16 -60.02
C LYS C 106 -10.64 7.01 -59.32
N ASP C 107 -11.37 6.40 -58.38
CA ASP C 107 -12.48 7.09 -57.70
C ASP C 107 -12.01 8.33 -56.95
N LYS C 108 -10.83 8.26 -56.34
CA LYS C 108 -10.31 9.40 -55.60
C LYS C 108 -9.35 10.30 -56.39
N ASN C 109 -9.22 10.06 -57.70
CA ASN C 109 -8.29 10.84 -58.53
C ASN C 109 -6.88 10.78 -57.96
N MET C 110 -6.53 9.60 -57.47
CA MET C 110 -5.22 9.31 -56.92
C MET C 110 -4.28 8.48 -57.81
N ILE C 111 -4.66 8.20 -59.05
CA ILE C 111 -3.76 7.46 -59.93
C ILE C 111 -2.44 8.22 -59.94
N PRO C 112 -1.33 7.56 -59.56
CA PRO C 112 -0.11 8.36 -59.39
C PRO C 112 0.40 9.01 -60.68
N LYS C 113 0.96 10.20 -60.54
CA LYS C 113 1.62 10.86 -61.65
C LYS C 113 2.74 9.96 -62.19
N TYR C 114 2.82 9.81 -63.50
CA TYR C 114 3.73 8.85 -64.11
C TYR C 114 5.15 9.43 -64.15
N LEU C 115 6.07 8.77 -63.46
CA LEU C 115 7.42 9.30 -63.30
C LEU C 115 8.45 8.35 -63.91
N PRO C 116 9.68 8.84 -64.17
CA PRO C 116 10.71 8.02 -64.82
C PRO C 116 11.01 6.66 -64.17
N TYR C 117 11.02 6.56 -62.84
CA TYR C 117 11.31 5.27 -62.21
C TYR C 117 10.22 4.25 -62.54
N MET C 118 9.01 4.77 -62.75
CA MET C 118 7.86 3.94 -63.11
C MET C 118 8.02 3.44 -64.55
N GLU C 119 8.36 4.35 -65.45
CA GLU C 119 8.60 3.99 -66.86
C GLU C 119 9.70 2.95 -66.92
N GLU C 120 10.75 3.16 -66.14
CA GLU C 120 11.86 2.24 -66.12
C GLU C 120 11.37 0.84 -65.75
N ILE C 121 10.60 0.74 -64.66
CA ILE C 121 10.06 -0.57 -64.29
C ILE C 121 9.10 -1.12 -65.36
N ASN C 122 8.29 -0.27 -65.98
CA ASN C 122 7.39 -0.72 -67.02
C ASN C 122 8.13 -1.22 -68.29
N ARG C 123 9.30 -0.66 -68.57
CA ARG C 123 10.06 -1.06 -69.76
C ARG C 123 10.83 -2.38 -69.59
N MET C 124 11.09 -2.79 -68.36
CA MET C 124 11.76 -4.04 -68.11
C MET C 124 10.96 -5.26 -68.58
N ARG C 125 11.66 -6.34 -68.91
CA ARG C 125 11.00 -7.64 -68.97
C ARG C 125 10.44 -7.98 -67.59
N PRO C 126 9.23 -8.53 -67.53
CA PRO C 126 8.73 -8.97 -66.23
C PRO C 126 9.72 -9.88 -65.50
N ALA C 127 10.42 -10.71 -66.27
CA ALA C 127 11.45 -11.59 -65.70
C ALA C 127 12.55 -10.80 -65.01
N ASP C 128 12.77 -9.56 -65.41
CA ASP C 128 13.88 -8.79 -64.86
C ASP C 128 13.48 -7.83 -63.76
N VAL C 129 12.20 -7.77 -63.40
CA VAL C 129 11.78 -6.84 -62.37
C VAL C 129 12.49 -7.25 -61.08
N PRO C 130 13.25 -6.32 -60.47
CA PRO C 130 13.99 -6.69 -59.26
C PRO C 130 13.08 -6.88 -58.05
N VAL C 131 13.35 -7.94 -57.30
CA VAL C 131 12.64 -8.25 -56.08
C VAL C 131 13.63 -8.46 -54.96
N LYS C 132 13.19 -8.24 -53.72
CA LYS C 132 14.04 -8.43 -52.55
C LYS C 132 13.50 -9.55 -51.65
N TYR C 133 14.35 -10.54 -51.40
CA TYR C 133 14.02 -11.62 -50.47
C TYR C 133 14.31 -11.17 -49.03
N MET C 134 13.50 -11.65 -48.09
CA MET C 134 13.73 -11.39 -46.67
C MET C 134 14.06 -12.70 -45.95
N ALA D 5 8.28 11.37 -40.85
CA ALA D 5 8.51 11.02 -42.25
C ALA D 5 8.30 9.51 -42.46
N ALA D 6 9.11 8.72 -41.76
CA ALA D 6 9.02 7.27 -41.85
C ALA D 6 7.69 6.78 -41.29
N ALA D 7 7.13 7.51 -40.34
CA ALA D 7 5.88 7.12 -39.71
C ALA D 7 4.68 7.51 -40.57
N ASP D 8 4.89 8.32 -41.60
CA ASP D 8 3.75 8.87 -42.30
C ASP D 8 3.35 7.94 -43.43
N TRP D 9 2.32 7.17 -43.13
CA TRP D 9 1.67 6.33 -44.10
C TRP D 9 0.33 6.96 -44.33
N ASP D 10 -0.19 6.80 -45.53
CA ASP D 10 -1.50 7.30 -45.88
C ASP D 10 -2.50 6.15 -45.65
N VAL D 11 -3.38 6.33 -44.67
CA VAL D 11 -4.31 5.29 -44.23
C VAL D 11 -5.74 5.61 -44.64
N TYR D 12 -6.32 4.75 -45.47
CA TYR D 12 -7.70 4.90 -45.88
C TYR D 12 -8.55 3.75 -45.34
N CYS D 13 -9.30 4.04 -44.28
CA CYS D 13 -10.19 3.07 -43.63
C CYS D 13 -11.51 2.94 -44.36
N SER D 14 -12.17 1.80 -44.25
CA SER D 14 -13.47 1.62 -44.90
C SER D 14 -14.59 1.93 -43.97
N GLN D 15 -15.80 1.99 -44.52
CA GLN D 15 -17.02 2.12 -43.72
C GLN D 15 -17.74 0.79 -43.57
N ASP D 16 -17.21 -0.25 -44.20
CA ASP D 16 -17.84 -1.57 -44.17
C ASP D 16 -16.78 -2.66 -44.13
N GLU D 17 -16.97 -3.64 -43.25
CA GLU D 17 -15.99 -4.73 -43.09
C GLU D 17 -15.73 -5.52 -44.37
N SER D 18 -16.64 -5.44 -45.35
CA SER D 18 -16.48 -6.19 -46.59
C SER D 18 -15.48 -5.56 -47.53
N ILE D 19 -15.11 -4.31 -47.27
CA ILE D 19 -14.19 -3.58 -48.13
C ILE D 19 -12.88 -3.38 -47.37
N PRO D 20 -11.76 -3.91 -47.91
CA PRO D 20 -10.49 -3.77 -47.20
C PRO D 20 -10.02 -2.32 -47.12
N ALA D 21 -9.25 -2.03 -46.08
CA ALA D 21 -8.63 -0.73 -45.98
C ALA D 21 -7.44 -0.68 -46.91
N LYS D 22 -7.07 0.53 -47.30
CA LYS D 22 -5.91 0.73 -48.17
C LYS D 22 -4.87 1.57 -47.47
N PHE D 23 -3.62 1.11 -47.46
CA PHE D 23 -2.54 1.96 -46.98
C PHE D 23 -1.49 2.17 -48.09
N ILE D 24 -1.05 3.42 -48.20
CA ILE D 24 -0.06 3.83 -49.19
C ILE D 24 1.10 4.50 -48.49
N SER D 25 2.31 4.10 -48.83
CA SER D 25 3.51 4.73 -48.28
C SER D 25 4.43 5.20 -49.40
N ARG D 26 5.25 6.19 -49.11
CA ARG D 26 6.19 6.69 -50.10
C ARG D 26 7.57 6.71 -49.48
N LEU D 27 8.55 6.28 -50.25
CA LEU D 27 9.92 6.20 -49.73
C LEU D 27 10.98 6.73 -50.70
N GLN D 33 20.87 5.22 -41.96
CA GLN D 33 19.47 5.00 -41.61
C GLN D 33 18.73 4.26 -42.73
N ALA D 34 19.42 3.31 -43.36
CA ALA D 34 18.81 2.49 -44.40
C ALA D 34 17.72 1.61 -43.81
N LEU D 35 16.65 1.41 -44.57
CA LEU D 35 15.52 0.64 -44.09
C LEU D 35 15.75 -0.82 -44.46
N GLU D 36 16.00 -1.64 -43.45
CA GLU D 36 16.30 -3.05 -43.69
C GLU D 36 15.06 -3.91 -43.81
N LYS D 37 14.06 -3.61 -42.98
CA LYS D 37 12.92 -4.49 -42.84
C LYS D 37 11.65 -3.73 -42.47
N THR D 38 10.52 -4.15 -43.03
CA THR D 38 9.20 -3.67 -42.59
C THR D 38 8.33 -4.89 -42.34
N GLU D 39 7.77 -4.99 -41.13
CA GLU D 39 6.91 -6.11 -40.75
C GLU D 39 5.62 -5.58 -40.15
N ILE D 40 4.50 -6.07 -40.69
CA ILE D 40 3.19 -5.71 -40.17
C ILE D 40 2.72 -6.81 -39.26
N ASN D 41 2.36 -6.43 -38.04
CA ASN D 41 1.84 -7.38 -37.07
C ASN D 41 0.33 -7.43 -37.19
N CYS D 42 -0.18 -8.51 -37.81
CA CYS D 42 -1.59 -8.68 -38.19
C CYS D 42 -2.17 -9.83 -37.39
N SER D 43 -3.50 -9.86 -37.28
CA SER D 43 -4.17 -10.86 -36.49
C SER D 43 -3.86 -12.25 -37.03
N ASN D 44 -3.58 -12.36 -38.33
CA ASN D 44 -3.29 -13.67 -38.92
C ASN D 44 -1.80 -13.92 -39.03
N GLY D 45 -0.99 -12.99 -38.53
CA GLY D 45 0.43 -13.24 -38.47
C GLY D 45 1.29 -12.03 -38.74
N LEU D 46 2.59 -12.28 -38.81
CA LEU D 46 3.56 -11.27 -39.13
C LEU D 46 3.77 -11.23 -40.65
N VAL D 47 3.49 -10.08 -41.25
CA VAL D 47 3.53 -9.94 -42.69
C VAL D 47 4.66 -9.05 -43.12
N PRO D 48 5.69 -9.63 -43.76
CA PRO D 48 6.78 -8.79 -44.24
C PRO D 48 6.40 -8.01 -45.48
N ILE D 49 6.84 -6.77 -45.59
CA ILE D 49 6.69 -6.06 -46.86
C ILE D 49 7.95 -5.29 -47.16
N THR D 50 8.17 -5.05 -48.44
CA THR D 50 9.33 -4.28 -48.89
C THR D 50 8.89 -2.92 -49.39
N GLN D 51 9.37 -1.87 -48.76
CA GLN D 51 9.04 -0.55 -49.22
C GLN D 51 10.09 -0.14 -50.21
N GLU D 52 9.70 -0.12 -51.48
CA GLU D 52 10.55 0.28 -52.57
C GLU D 52 10.57 1.80 -52.65
N PHE D 53 11.61 2.32 -53.29
CA PHE D 53 11.69 3.73 -53.60
C PHE D 53 10.43 4.16 -54.31
N GLY D 54 9.87 5.29 -53.89
CA GLY D 54 8.63 5.75 -54.46
C GLY D 54 7.46 5.14 -53.71
N ILE D 55 6.36 4.92 -54.42
CA ILE D 55 5.08 4.57 -53.82
C ILE D 55 4.93 3.07 -53.55
N ASN D 56 4.27 2.75 -52.43
CA ASN D 56 3.96 1.37 -52.08
C ASN D 56 2.53 1.31 -51.61
N MET D 57 1.88 0.21 -51.93
CA MET D 57 0.47 0.03 -51.64
C MET D 57 0.21 -1.32 -51.00
N MET D 58 -0.73 -1.34 -50.06
CA MET D 58 -1.12 -2.59 -49.42
C MET D 58 -2.59 -2.56 -48.96
N LEU D 59 -3.25 -3.71 -49.08
CA LEU D 59 -4.59 -3.92 -48.55
C LEU D 59 -4.56 -4.50 -47.15
N ILE D 60 -5.47 -4.05 -46.30
CA ILE D 60 -5.69 -4.70 -44.99
C ILE D 60 -7.15 -5.05 -44.82
N GLN D 61 -7.43 -6.35 -44.67
CA GLN D 61 -8.79 -6.85 -44.49
C GLN D 61 -9.29 -6.79 -43.04
N TYR D 62 -10.60 -6.59 -42.90
CA TYR D 62 -11.28 -6.61 -41.62
C TYR D 62 -11.71 -8.02 -41.20
N THR D 63 -11.84 -8.93 -42.16
CA THR D 63 -12.31 -10.29 -41.92
C THR D 63 -11.26 -11.29 -42.37
N ARG D 64 -11.30 -12.49 -41.81
CA ARG D 64 -10.36 -13.55 -42.14
C ARG D 64 -11.10 -14.78 -42.60
N ASN D 65 -10.73 -15.28 -43.79
CA ASN D 65 -11.07 -16.66 -44.13
C ASN D 65 -9.83 -17.32 -44.69
N GLU D 66 -9.19 -18.17 -43.91
CA GLU D 66 -7.90 -18.68 -44.30
C GLU D 66 -8.02 -19.59 -45.51
N LEU D 67 -9.19 -20.19 -45.68
CA LEU D 67 -9.38 -21.09 -46.82
C LEU D 67 -9.48 -20.34 -48.14
N LEU D 68 -10.26 -19.26 -48.16
CA LEU D 68 -10.50 -18.54 -49.41
C LEU D 68 -9.72 -17.23 -49.60
N ASP D 69 -9.02 -16.77 -48.57
CA ASP D 69 -8.33 -15.48 -48.67
C ASP D 69 -7.18 -15.55 -49.66
N SER D 70 -6.86 -14.44 -50.29
CA SER D 70 -5.74 -14.42 -51.23
C SER D 70 -4.42 -14.54 -50.46
N PRO D 71 -3.37 -15.05 -51.12
CA PRO D 71 -2.06 -15.27 -50.48
C PRO D 71 -1.47 -14.00 -49.86
N GLY D 72 -0.95 -14.11 -48.64
CA GLY D 72 -0.24 -12.98 -48.05
C GLY D 72 -1.11 -11.88 -47.49
N MET D 73 -2.42 -12.09 -47.42
CA MET D 73 -3.32 -11.07 -46.89
C MET D 73 -2.98 -10.72 -45.43
N CYS D 74 -3.12 -9.45 -45.08
CA CYS D 74 -3.01 -9.00 -43.68
C CYS D 74 -4.40 -8.66 -43.15
N VAL D 75 -4.72 -9.17 -41.96
CA VAL D 75 -6.02 -8.92 -41.36
C VAL D 75 -5.86 -8.11 -40.07
N PHE D 76 -6.70 -7.09 -39.94
CA PHE D 76 -6.70 -6.27 -38.72
C PHE D 76 -6.88 -7.10 -37.47
N TRP D 77 -6.26 -6.65 -36.38
CA TRP D 77 -6.70 -7.05 -35.04
C TRP D 77 -8.00 -6.33 -34.71
N GLY D 78 -8.85 -6.95 -33.88
CA GLY D 78 -10.15 -6.39 -33.53
C GLY D 78 -11.32 -7.19 -34.06
N PRO D 79 -12.54 -6.66 -33.92
CA PRO D 79 -12.88 -5.31 -33.43
C PRO D 79 -12.76 -5.16 -31.93
N TYR D 80 -12.38 -3.96 -31.49
CA TYR D 80 -12.31 -3.63 -30.08
C TYR D 80 -13.31 -2.55 -29.75
N SER D 81 -13.95 -2.69 -28.59
CA SER D 81 -14.75 -1.60 -28.04
C SER D 81 -13.84 -0.53 -27.44
N VAL D 82 -14.24 0.73 -27.57
CA VAL D 82 -13.56 1.85 -26.94
C VAL D 82 -14.49 2.49 -25.91
N PRO D 83 -13.91 3.12 -24.88
CA PRO D 83 -14.76 3.63 -23.79
C PRO D 83 -15.69 4.80 -24.15
N LYS D 84 -16.88 4.78 -23.57
CA LYS D 84 -17.83 5.88 -23.65
C LYS D 84 -18.34 6.13 -25.06
N ASN D 85 -18.17 5.16 -25.94
CA ASN D 85 -18.51 5.36 -27.34
C ASN D 85 -18.95 4.07 -28.00
N ASP D 86 -20.25 3.84 -28.06
CA ASP D 86 -20.78 2.57 -28.55
C ASP D 86 -21.12 2.60 -30.05
N THR D 87 -20.84 3.72 -30.71
CA THR D 87 -21.17 3.85 -32.13
C THR D 87 -20.07 3.31 -33.06
N VAL D 88 -18.87 3.10 -32.53
CA VAL D 88 -17.77 2.60 -33.36
C VAL D 88 -17.03 1.48 -32.68
N VAL D 89 -16.27 0.75 -33.48
CA VAL D 89 -15.30 -0.20 -32.95
C VAL D 89 -13.95 0.07 -33.60
N LEU D 90 -12.88 -0.40 -32.96
CA LEU D 90 -11.53 -0.18 -33.43
C LEU D 90 -10.97 -1.44 -34.07
N TYR D 91 -10.35 -1.24 -35.23
CA TYR D 91 -9.49 -2.24 -35.87
C TYR D 91 -8.08 -1.66 -35.93
N THR D 92 -7.06 -2.49 -35.72
CA THR D 92 -5.72 -1.94 -35.70
C THR D 92 -4.68 -2.96 -36.08
N VAL D 93 -3.55 -2.47 -36.58
CA VAL D 93 -2.32 -3.25 -36.67
C VAL D 93 -1.18 -2.39 -36.19
N THR D 94 -0.04 -3.02 -35.90
CA THR D 94 1.18 -2.28 -35.65
C THR D 94 2.22 -2.71 -36.68
N ALA D 95 3.19 -1.83 -36.92
CA ALA D 95 4.27 -2.14 -37.84
C ALA D 95 5.60 -1.82 -37.21
N ARG D 96 6.59 -2.67 -37.47
CA ARG D 96 7.94 -2.44 -36.97
C ARG D 96 8.90 -2.24 -38.14
N LEU D 97 9.61 -1.11 -38.10
CA LEU D 97 10.57 -0.77 -39.14
C LEU D 97 11.98 -0.85 -38.53
N LYS D 98 12.79 -1.78 -39.04
CA LYS D 98 14.16 -1.97 -38.56
C LYS D 98 15.16 -1.32 -39.51
N TRP D 99 16.00 -0.48 -38.93
CA TRP D 99 16.94 0.35 -39.67
C TRP D 99 18.37 -0.14 -39.53
N SER D 100 19.18 0.11 -40.56
CA SER D 100 20.60 -0.22 -40.54
C SER D 100 21.27 0.45 -39.35
N GLU D 101 21.00 1.74 -39.17
CA GLU D 101 21.52 2.51 -38.05
C GLU D 101 20.38 3.17 -37.28
N GLY D 102 20.31 2.88 -35.98
CA GLY D 102 19.31 3.44 -35.10
C GLY D 102 18.37 2.35 -34.57
N PRO D 103 17.56 2.70 -33.57
CA PRO D 103 16.61 1.73 -33.01
C PRO D 103 15.39 1.53 -33.92
N PRO D 104 14.76 0.35 -33.86
CA PRO D 104 13.60 0.16 -34.72
C PRO D 104 12.53 1.20 -34.41
N THR D 105 11.65 1.49 -35.36
CA THR D 105 10.52 2.36 -35.04
C THR D 105 9.27 1.50 -35.07
N ASN D 106 8.33 1.84 -34.21
CA ASN D 106 7.10 1.07 -34.10
C ASN D 106 5.97 2.04 -34.38
N LEU D 107 5.10 1.64 -35.30
CA LEU D 107 3.97 2.48 -35.63
C LEU D 107 2.67 1.75 -35.40
N SER D 108 1.66 2.53 -35.06
CA SER D 108 0.29 2.05 -34.90
C SER D 108 -0.64 2.55 -35.99
N ILE D 109 -1.32 1.62 -36.65
CA ILE D 109 -2.34 1.94 -37.65
C ILE D 109 -3.72 1.59 -37.09
N GLN D 110 -4.55 2.62 -36.96
CA GLN D 110 -5.88 2.47 -36.38
C GLN D 110 -6.96 2.86 -37.38
N CYS D 111 -8.00 2.04 -37.45
CA CYS D 111 -9.16 2.31 -38.26
C CYS D 111 -10.41 2.09 -37.44
N TYR D 112 -11.23 3.14 -37.32
CA TYR D 112 -12.50 3.02 -36.62
C TYR D 112 -13.59 2.66 -37.62
N MET D 113 -14.45 1.75 -37.20
CA MET D 113 -15.53 1.26 -38.04
C MET D 113 -16.86 1.58 -37.36
N PRO D 114 -17.86 2.07 -38.12
CA PRO D 114 -19.19 2.24 -37.51
C PRO D 114 -19.74 0.90 -37.09
N LYS D 115 -20.43 0.89 -35.96
CA LYS D 115 -20.95 -0.34 -35.42
C LYS D 115 -22.29 -0.63 -36.11
N SER D 116 -22.50 -1.88 -36.50
CA SER D 116 -23.67 -2.26 -37.30
C SER D 116 -24.97 -2.00 -36.54
N PHE E 10 17.55 30.50 23.45
CA PHE E 10 18.77 31.30 23.47
C PHE E 10 18.92 32.04 24.79
N LEU E 11 20.15 32.17 25.25
CA LEU E 11 20.46 32.80 26.53
C LEU E 11 21.75 33.60 26.40
N ASN E 12 21.77 34.81 26.95
CA ASN E 12 22.97 35.65 26.91
C ASN E 12 24.18 34.87 27.44
N LYS E 13 25.30 34.99 26.73
CA LYS E 13 26.46 34.15 27.00
C LYS E 13 26.97 34.28 28.45
N ALA E 14 26.96 35.49 29.00
CA ALA E 14 27.42 35.72 30.38
C ALA E 14 26.56 34.92 31.38
N PHE E 15 25.26 34.87 31.11
CA PHE E 15 24.32 34.13 31.95
C PHE E 15 24.60 32.62 31.86
N GLU E 16 24.77 32.14 30.63
CA GLU E 16 25.11 30.74 30.39
C GLU E 16 26.39 30.37 31.12
N VAL E 17 27.42 31.20 30.96
CA VAL E 17 28.70 30.95 31.59
C VAL E 17 28.52 30.92 33.10
N ALA E 18 27.84 31.91 33.67
CA ALA E 18 27.58 31.89 35.11
C ALA E 18 26.99 30.53 35.54
N LEU E 19 25.94 30.14 34.82
CA LEU E 19 25.29 28.86 35.11
C LEU E 19 26.28 27.70 35.08
N LYS E 20 26.98 27.54 33.96
CA LYS E 20 27.85 26.36 33.76
C LYS E 20 28.99 26.34 34.80
N VAL E 21 29.59 27.50 35.03
CA VAL E 21 30.66 27.56 36.01
C VAL E 21 30.15 27.10 37.35
N GLN E 22 29.00 27.62 37.79
CA GLN E 22 28.53 27.22 39.10
C GLN E 22 28.05 25.74 39.18
N ILE E 23 27.39 25.28 38.13
CA ILE E 23 26.89 23.90 38.15
C ILE E 23 28.09 22.95 38.26
N ILE E 24 29.06 23.13 37.37
CA ILE E 24 30.21 22.24 37.37
C ILE E 24 30.98 22.38 38.68
N ALA E 25 31.19 23.60 39.18
CA ALA E 25 31.87 23.74 40.48
C ALA E 25 31.12 22.99 41.61
N GLY E 26 29.79 23.07 41.64
CA GLY E 26 29.00 22.33 42.63
C GLY E 26 29.15 20.82 42.52
N PHE E 27 28.98 20.33 41.29
CA PHE E 27 29.19 18.90 41.06
C PHE E 27 30.59 18.47 41.51
N ASP E 28 31.59 19.26 41.12
CA ASP E 28 32.98 18.92 41.47
C ASP E 28 33.19 18.93 42.98
N ARG E 29 32.63 19.91 43.70
CA ARG E 29 32.73 19.90 45.17
C ARG E 29 32.13 18.62 45.75
N GLY E 30 30.96 18.25 45.25
CA GLY E 30 30.37 16.98 45.67
C GLY E 30 31.29 15.80 45.39
N LEU E 31 31.91 15.77 44.23
CA LEU E 31 32.82 14.67 43.91
C LEU E 31 34.05 14.67 44.83
N VAL E 32 34.62 15.85 45.12
CA VAL E 32 35.74 15.91 46.06
C VAL E 32 35.35 15.30 47.40
N LYS E 33 34.21 15.74 47.91
CA LYS E 33 33.69 15.24 49.18
C LYS E 33 33.54 13.73 49.14
N TRP E 34 32.94 13.21 48.07
CA TRP E 34 32.81 11.75 47.93
C TRP E 34 34.17 11.05 47.83
N LEU E 35 35.10 11.63 47.08
CA LEU E 35 36.41 11.02 46.86
C LEU E 35 37.21 10.94 48.15
N ARG E 36 37.04 11.94 49.01
CA ARG E 36 37.70 11.87 50.32
C ARG E 36 37.38 10.57 51.02
N VAL E 37 36.12 10.12 50.95
CA VAL E 37 35.72 8.84 51.52
C VAL E 37 36.04 7.61 50.68
N HIS E 38 35.64 7.63 49.41
CA HIS E 38 35.68 6.45 48.55
C HIS E 38 36.82 6.37 47.53
N GLY E 39 37.67 7.37 47.47
CA GLY E 39 38.62 7.47 46.37
C GLY E 39 39.89 6.67 46.46
N ARG E 40 40.20 6.12 47.63
CA ARG E 40 41.53 5.51 47.84
C ARG E 40 41.84 4.40 46.84
N THR E 41 40.84 3.59 46.51
CA THR E 41 41.06 2.42 45.65
C THR E 41 40.85 2.71 44.16
N LEU E 42 40.53 3.96 43.83
CA LEU E 42 40.29 4.33 42.44
C LEU E 42 41.59 4.74 41.76
N SER E 43 41.72 4.37 40.49
CA SER E 43 42.81 4.82 39.64
C SER E 43 42.62 6.27 39.21
N THR E 44 43.69 6.90 38.77
CA THR E 44 43.65 8.27 38.28
C THR E 44 42.64 8.46 37.14
N VAL E 45 42.65 7.52 36.20
CA VAL E 45 41.77 7.62 35.05
C VAL E 45 40.29 7.44 35.48
N GLN E 46 40.04 6.66 36.53
CA GLN E 46 38.66 6.52 37.03
C GLN E 46 38.15 7.83 37.64
N LYS E 47 39.02 8.49 38.41
CA LYS E 47 38.68 9.79 38.97
C LYS E 47 38.42 10.79 37.84
N LYS E 48 39.32 10.81 36.86
CA LYS E 48 39.10 11.68 35.70
C LYS E 48 37.78 11.37 34.99
N ALA E 49 37.49 10.07 34.84
CA ALA E 49 36.20 9.67 34.26
C ALA E 49 35.03 10.23 35.08
N LEU E 50 35.13 10.20 36.40
CA LEU E 50 34.02 10.78 37.22
C LEU E 50 33.93 12.30 37.06
N TYR E 51 35.08 12.98 36.97
CA TYR E 51 35.01 14.39 36.64
C TYR E 51 34.33 14.62 35.30
N PHE E 52 34.61 13.76 34.32
CA PHE E 52 33.89 13.87 33.06
C PHE E 52 32.38 13.63 33.25
N VAL E 53 32.05 12.63 34.05
CA VAL E 53 30.64 12.32 34.35
C VAL E 53 29.92 13.59 34.82
N ASN E 54 30.55 14.37 35.70
CA ASN E 54 29.94 15.66 36.08
C ASN E 54 29.56 16.61 34.90
N ARG E 55 30.54 16.89 34.03
CA ARG E 55 30.33 17.80 32.91
C ARG E 55 29.29 17.24 31.95
N ARG E 56 29.36 15.94 31.73
CA ARG E 56 28.41 15.28 30.85
C ARG E 56 26.99 15.31 31.44
N TYR E 57 26.86 15.16 32.76
CA TYR E 57 25.52 15.20 33.36
C TYR E 57 24.95 16.57 33.09
N MET E 58 25.79 17.60 33.29
CA MET E 58 25.30 18.94 32.93
C MET E 58 24.83 19.03 31.46
N GLN E 59 25.65 18.54 30.54
CA GLN E 59 25.26 18.55 29.13
C GLN E 59 23.93 17.83 28.88
N THR E 60 23.83 16.63 29.41
CA THR E 60 22.66 15.80 29.17
C THR E 60 21.41 16.52 29.68
N HIS E 61 21.50 17.12 30.86
CA HIS E 61 20.34 17.72 31.49
C HIS E 61 20.15 19.23 31.35
N TRP E 62 21.06 19.87 30.62
CA TRP E 62 20.92 21.31 30.38
C TRP E 62 19.50 21.74 30.01
N ALA E 63 18.88 21.04 29.06
CA ALA E 63 17.55 21.43 28.62
C ALA E 63 16.54 21.43 29.78
N ASN E 64 16.54 20.42 30.66
CA ASN E 64 15.57 20.45 31.74
C ASN E 64 16.04 21.41 32.84
N TYR E 65 17.34 21.66 32.96
CA TYR E 65 17.77 22.71 33.89
C TYR E 65 17.20 24.06 33.42
N MET E 66 17.21 24.30 32.11
CA MET E 66 16.70 25.56 31.59
C MET E 66 15.20 25.80 31.87
N LEU E 67 14.37 24.77 31.83
CA LEU E 67 12.95 24.91 32.22
C LEU E 67 12.83 25.49 33.62
N TRP E 68 13.59 24.89 34.54
CA TRP E 68 13.57 25.26 35.93
C TRP E 68 14.11 26.67 36.11
N ILE E 69 15.24 26.95 35.47
CA ILE E 69 15.86 28.27 35.51
C ILE E 69 14.90 29.34 35.00
N ASN E 70 14.31 29.12 33.83
CA ASN E 70 13.41 30.11 33.26
C ASN E 70 12.22 30.32 34.19
N LYS E 71 11.67 29.22 34.70
CA LYS E 71 10.63 29.33 35.72
C LYS E 71 11.07 30.24 36.89
N LYS E 72 12.25 29.96 37.44
CA LYS E 72 12.79 30.76 38.54
C LYS E 72 13.07 32.24 38.16
N ILE E 73 13.62 32.47 37.00
CA ILE E 73 13.99 33.82 36.56
C ILE E 73 12.73 34.64 36.38
N ASP E 74 11.75 34.05 35.69
CA ASP E 74 10.50 34.73 35.40
C ASP E 74 9.76 35.16 36.66
N ALA E 75 10.01 34.45 37.76
CA ALA E 75 9.32 34.73 39.01
C ALA E 75 10.00 35.84 39.81
N LEU E 76 11.07 36.40 39.25
CA LEU E 76 11.81 37.44 39.94
C LEU E 76 11.05 38.77 39.96
N GLY E 77 10.21 38.99 38.96
CA GLY E 77 9.48 40.25 38.84
C GLY E 77 10.33 41.44 38.43
N ARG E 78 11.43 41.18 37.72
CA ARG E 78 12.32 42.22 37.24
C ARG E 78 13.29 41.66 36.20
N THR E 79 14.13 42.52 35.64
CA THR E 79 15.14 42.08 34.69
C THR E 79 16.20 41.28 35.44
N PRO E 80 16.59 40.11 34.88
CA PRO E 80 17.64 39.38 35.59
C PRO E 80 19.03 39.96 35.37
N VAL E 81 19.93 39.68 36.31
CA VAL E 81 21.33 40.02 36.20
C VAL E 81 22.15 38.76 36.42
N VAL E 82 23.42 38.80 36.06
CA VAL E 82 24.28 37.61 36.10
C VAL E 82 24.29 36.94 37.48
N GLY E 83 24.17 37.74 38.53
CA GLY E 83 24.15 37.20 39.89
C GLY E 83 23.02 36.21 40.13
N ASP E 84 21.89 36.45 39.48
CA ASP E 84 20.73 35.57 39.58
C ASP E 84 21.06 34.19 39.02
N TYR E 85 21.76 34.21 37.90
CA TYR E 85 22.15 32.99 37.22
C TYR E 85 23.25 32.30 38.01
N THR E 86 24.13 33.10 38.62
CA THR E 86 25.15 32.52 39.50
C THR E 86 24.48 31.77 40.66
N ARG E 87 23.51 32.44 41.29
CA ARG E 87 22.76 31.84 42.39
C ARG E 87 22.01 30.55 41.97
N LEU E 88 21.27 30.61 40.87
CA LEU E 88 20.53 29.43 40.41
C LEU E 88 21.48 28.29 40.01
N GLY E 89 22.58 28.66 39.36
CA GLY E 89 23.60 27.70 39.01
C GLY E 89 24.18 27.00 40.23
N ALA E 90 24.47 27.78 41.27
CA ALA E 90 24.99 27.19 42.50
C ALA E 90 23.95 26.26 43.15
N GLU E 91 22.70 26.67 43.11
CA GLU E 91 21.63 25.79 43.63
C GLU E 91 21.55 24.43 42.89
N ILE E 92 21.55 24.47 41.56
CA ILE E 92 21.60 23.21 40.79
C ILE E 92 22.85 22.44 41.18
N GLY E 93 23.96 23.15 41.25
CA GLY E 93 25.24 22.52 41.56
C GLY E 93 25.25 21.78 42.88
N ARG E 94 24.61 22.35 43.90
CA ARG E 94 24.53 21.66 45.18
C ARG E 94 23.38 20.64 45.35
N ARG E 95 22.26 20.84 44.65
N ARG E 95 22.25 20.85 44.66
CA ARG E 95 21.09 19.98 44.86
CA ARG E 95 21.09 19.96 44.86
C ARG E 95 21.13 18.64 44.12
C ARG E 95 21.10 18.63 44.10
N ILE E 96 21.75 18.57 42.95
CA ILE E 96 21.81 17.30 42.21
C ILE E 96 22.65 16.30 42.99
N ASP E 97 22.13 15.12 43.26
CA ASP E 97 22.88 14.20 44.12
C ASP E 97 23.61 13.25 43.17
N MET E 98 24.86 13.60 42.89
CA MET E 98 25.64 12.89 41.90
C MET E 98 26.22 11.66 42.56
N ALA E 99 26.28 11.71 43.89
CA ALA E 99 26.82 10.59 44.64
C ALA E 99 26.04 9.29 44.38
N TYR E 100 24.76 9.38 44.01
CA TYR E 100 24.05 8.16 43.62
C TYR E 100 24.74 7.51 42.45
N PHE E 101 25.29 8.32 41.54
CA PHE E 101 26.00 7.75 40.40
C PHE E 101 27.41 7.35 40.75
N TYR E 102 28.12 8.14 41.56
CA TYR E 102 29.48 7.77 41.94
C TYR E 102 29.46 6.40 42.61
N ASP E 103 28.56 6.22 43.58
CA ASP E 103 28.47 4.97 44.34
C ASP E 103 28.07 3.80 43.48
N PHE E 104 27.07 3.99 42.61
CA PHE E 104 26.61 2.93 41.71
C PHE E 104 27.72 2.50 40.74
N LEU E 105 28.36 3.48 40.12
CA LEU E 105 29.40 3.19 39.15
C LEU E 105 30.59 2.48 39.80
N LYS E 106 31.00 2.93 40.99
CA LYS E 106 32.08 2.27 41.70
C LYS E 106 31.66 0.86 42.16
N ASP E 107 30.52 0.77 42.82
CA ASP E 107 30.06 -0.50 43.40
C ASP E 107 29.89 -1.58 42.33
N LYS E 108 29.41 -1.20 41.16
CA LYS E 108 29.15 -2.16 40.09
C LYS E 108 30.33 -2.29 39.12
N ASN E 109 31.45 -1.65 39.44
CA ASN E 109 32.64 -1.63 38.58
C ASN E 109 32.30 -1.11 37.19
N MET E 110 31.41 -0.13 37.15
CA MET E 110 30.99 0.52 35.91
C MET E 110 31.59 1.91 35.62
N ILE E 111 32.55 2.38 36.41
CA ILE E 111 33.17 3.66 36.09
C ILE E 111 33.66 3.58 34.63
N PRO E 112 33.23 4.51 33.76
CA PRO E 112 33.52 4.34 32.34
C PRO E 112 35.01 4.35 32.02
N LYS E 113 35.41 3.58 31.03
CA LYS E 113 36.76 3.65 30.51
C LYS E 113 37.00 5.07 30.01
N TYR E 114 38.15 5.64 30.36
CA TYR E 114 38.43 7.04 30.04
C TYR E 114 38.87 7.18 28.59
N LEU E 115 38.09 7.91 27.81
CA LEU E 115 38.30 7.99 26.37
C LEU E 115 38.59 9.43 25.93
N PRO E 116 39.19 9.60 24.74
CA PRO E 116 39.58 10.93 24.29
C PRO E 116 38.48 12.01 24.33
N TYR E 117 37.24 11.69 23.98
CA TYR E 117 36.19 12.72 23.99
C TYR E 117 35.97 13.21 25.42
N MET E 118 36.21 12.31 26.37
CA MET E 118 36.07 12.64 27.78
C MET E 118 37.20 13.57 28.21
N GLU E 119 38.43 13.26 27.81
CA GLU E 119 39.57 14.13 28.10
C GLU E 119 39.35 15.50 27.48
N GLU E 120 38.87 15.51 26.24
CA GLU E 120 38.63 16.77 25.56
C GLU E 120 37.68 17.63 26.38
N ILE E 121 36.58 17.03 26.81
CA ILE E 121 35.68 17.78 27.66
C ILE E 121 36.31 18.16 29.01
N ASN E 122 37.10 17.27 29.61
CA ASN E 122 37.72 17.61 30.89
C ASN E 122 38.75 18.73 30.77
N ARG E 123 39.36 18.86 29.59
CA ARG E 123 40.36 19.91 29.40
C ARG E 123 39.77 21.30 29.13
N MET E 124 38.50 21.36 28.74
CA MET E 124 37.83 22.64 28.50
C MET E 124 37.68 23.45 29.76
N ARG E 125 37.63 24.78 29.62
CA ARG E 125 37.09 25.60 30.70
C ARG E 125 35.64 25.21 30.94
N PRO E 126 35.21 25.11 32.19
CA PRO E 126 33.79 24.84 32.42
C PRO E 126 32.88 25.80 31.66
N ALA E 127 33.30 27.06 31.58
CA ALA E 127 32.54 28.08 30.84
C ALA E 127 32.38 27.71 29.37
N ASP E 128 33.27 26.88 28.84
CA ASP E 128 33.26 26.55 27.41
C ASP E 128 32.59 25.20 27.08
N VAL E 129 32.12 24.48 28.09
CA VAL E 129 31.51 23.17 27.84
C VAL E 129 30.27 23.42 27.01
N PRO E 130 30.19 22.81 25.82
CA PRO E 130 29.04 23.05 24.94
C PRO E 130 27.74 22.44 25.46
N VAL E 131 26.68 23.24 25.42
CA VAL E 131 25.36 22.79 25.83
C VAL E 131 24.37 23.07 24.71
N LYS E 132 23.30 22.28 24.67
CA LYS E 132 22.28 22.41 23.64
C LYS E 132 20.95 22.82 24.25
N TYR E 133 20.40 23.92 23.75
CA TYR E 133 19.09 24.40 24.17
C TYR E 133 17.98 23.67 23.39
N MET E 134 16.73 23.99 23.69
CA MET E 134 15.58 23.42 22.99
C MET E 134 14.81 24.50 22.24
N ALA F 7 20.53 3.31 21.22
CA ALA F 7 20.64 1.92 20.81
C ALA F 7 21.15 1.04 21.96
N ASP F 8 22.28 1.44 22.55
CA ASP F 8 22.78 0.74 23.73
C ASP F 8 22.32 1.50 24.99
N TRP F 9 21.37 0.94 25.73
CA TRP F 9 20.84 1.62 26.90
C TRP F 9 20.29 0.61 27.89
N ASP F 10 20.28 0.99 29.15
CA ASP F 10 19.67 0.12 30.14
C ASP F 10 19.26 0.92 31.37
N VAL F 11 18.43 0.30 32.19
CA VAL F 11 18.04 0.89 33.46
C VAL F 11 18.50 -0.04 34.56
N TYR F 12 19.01 0.55 35.62
CA TYR F 12 19.49 -0.19 36.77
C TYR F 12 18.61 0.21 37.93
N CYS F 13 17.74 -0.74 38.29
CA CYS F 13 16.68 -0.53 39.27
C CYS F 13 17.20 -0.70 40.68
N SER F 14 16.55 -0.07 41.65
CA SER F 14 16.98 -0.29 43.03
C SER F 14 16.07 -1.31 43.68
N GLN F 15 16.42 -1.73 44.89
CA GLN F 15 15.57 -2.60 45.68
C GLN F 15 14.81 -1.81 46.72
N ASP F 16 15.01 -0.50 46.75
CA ASP F 16 14.41 0.34 47.78
C ASP F 16 13.94 1.64 47.15
N GLU F 17 12.69 2.00 47.44
CA GLU F 17 12.08 3.21 46.89
C GLU F 17 12.88 4.48 47.22
N SER F 18 13.73 4.43 48.25
CA SER F 18 14.47 5.61 48.69
C SER F 18 15.67 5.89 47.81
N ILE F 19 16.04 4.91 46.99
CA ILE F 19 17.21 5.03 46.13
C ILE F 19 16.78 5.09 44.67
N PRO F 20 17.11 6.18 43.96
CA PRO F 20 16.65 6.29 42.58
C PRO F 20 17.26 5.24 41.66
N ALA F 21 16.54 4.96 40.58
CA ALA F 21 17.07 4.09 39.55
C ALA F 21 18.04 4.89 38.70
N LYS F 22 18.94 4.17 38.04
CA LYS F 22 19.88 4.81 37.12
C LYS F 22 19.65 4.35 35.69
N PHE F 23 19.50 5.33 34.81
CA PHE F 23 19.35 5.09 33.39
C PHE F 23 20.63 5.50 32.72
N ILE F 24 21.20 4.58 31.93
CA ILE F 24 22.45 4.86 31.23
C ILE F 24 22.32 4.47 29.77
N SER F 25 22.70 5.39 28.91
CA SER F 25 22.70 5.13 27.48
C SER F 25 24.06 5.46 26.90
N ARG F 26 24.38 4.82 25.80
CA ARG F 26 25.60 5.10 25.06
C ARG F 26 25.23 5.31 23.60
N LEU F 27 25.52 6.50 23.10
CA LEU F 27 25.13 6.88 21.75
C LEU F 27 26.33 6.85 20.81
N VAL F 28 26.18 6.19 19.66
CA VAL F 28 27.29 6.03 18.72
C VAL F 28 27.26 7.11 17.65
N ALA F 34 19.98 10.77 12.49
CA ALA F 34 20.42 11.67 13.54
C ALA F 34 19.32 11.89 14.58
N LEU F 35 19.73 11.98 15.85
CA LEU F 35 18.78 12.11 16.96
C LEU F 35 18.54 13.58 17.28
N GLU F 36 17.34 14.06 16.97
CA GLU F 36 17.01 15.47 17.19
C GLU F 36 16.54 15.80 18.60
N LYS F 37 15.74 14.90 19.18
CA LYS F 37 15.07 15.19 20.43
C LYS F 37 14.89 13.94 21.27
N THR F 38 15.06 14.08 22.58
CA THR F 38 14.72 13.02 23.52
C THR F 38 13.87 13.59 24.64
N GLU F 39 12.71 12.98 24.86
CA GLU F 39 11.78 13.39 25.90
C GLU F 39 11.41 12.19 26.76
N ILE F 40 11.57 12.33 28.07
CA ILE F 40 11.17 11.29 29.00
C ILE F 40 9.83 11.65 29.57
N ASN F 41 8.88 10.75 29.45
CA ASN F 41 7.56 10.98 29.97
C ASN F 41 7.40 10.43 31.36
N CYS F 42 7.47 11.33 32.35
CA CYS F 42 7.54 10.97 33.76
C CYS F 42 6.25 11.42 34.45
N SER F 43 5.99 10.83 35.61
CA SER F 43 4.77 11.11 36.35
C SER F 43 4.68 12.58 36.72
N ASN F 44 5.82 13.25 36.88
CA ASN F 44 5.82 14.67 37.25
C ASN F 44 5.99 15.56 36.02
N GLY F 45 6.04 14.95 34.84
CA GLY F 45 6.01 15.75 33.62
C GLY F 45 6.87 15.21 32.50
N LEU F 46 6.92 15.97 31.41
CA LEU F 46 7.77 15.65 30.29
C LEU F 46 9.13 16.26 30.50
N VAL F 47 10.17 15.42 30.53
CA VAL F 47 11.52 15.88 30.84
C VAL F 47 12.39 15.76 29.61
N PRO F 48 12.80 16.90 29.02
CA PRO F 48 13.71 16.82 27.88
C PRO F 48 15.13 16.47 28.30
N ILE F 49 15.81 15.63 27.53
CA ILE F 49 17.24 15.43 27.75
C ILE F 49 17.96 15.43 26.42
N THR F 50 19.25 15.76 26.45
CA THR F 50 20.08 15.71 25.27
C THR F 50 21.03 14.54 25.40
N GLN F 51 20.93 13.59 24.49
CA GLN F 51 21.85 12.48 24.51
C GLN F 51 23.02 12.83 23.62
N GLU F 52 24.15 13.11 24.26
CA GLU F 52 25.38 13.45 23.56
C GLU F 52 26.06 12.18 23.07
N PHE F 53 26.94 12.34 22.08
CA PHE F 53 27.76 11.22 21.66
C PHE F 53 28.45 10.62 22.87
N GLY F 54 28.44 9.30 22.94
CA GLY F 54 29.00 8.62 24.09
C GLY F 54 27.99 8.40 25.20
N ILE F 55 28.48 8.39 26.43
CA ILE F 55 27.66 7.95 27.55
C ILE F 55 26.79 9.09 28.08
N ASN F 56 25.55 8.73 28.46
CA ASN F 56 24.60 9.66 29.07
C ASN F 56 23.93 8.96 30.24
N MET F 57 23.64 9.74 31.29
CA MET F 57 23.15 9.20 32.55
C MET F 57 21.99 10.01 33.07
N MET F 58 21.05 9.34 33.73
CA MET F 58 19.91 10.02 34.33
C MET F 58 19.41 9.28 35.57
N LEU F 59 19.01 10.03 36.58
CA LEU F 59 18.38 9.44 37.75
C LEU F 59 16.90 9.38 37.52
N ILE F 60 16.28 8.30 37.99
CA ILE F 60 14.82 8.23 38.02
C ILE F 60 14.35 7.87 39.43
N GLN F 61 13.62 8.79 40.05
CA GLN F 61 13.12 8.57 41.41
C GLN F 61 11.83 7.76 41.44
N TYR F 62 11.69 6.98 42.50
CA TYR F 62 10.46 6.25 42.76
C TYR F 62 9.41 7.08 43.52
N THR F 63 9.87 8.12 44.21
CA THR F 63 8.99 8.93 45.06
C THR F 63 9.01 10.37 44.58
N ARG F 64 7.97 11.13 44.89
CA ARG F 64 7.85 12.50 44.45
C ARG F 64 7.67 13.45 45.62
N ASN F 65 8.52 14.47 45.70
CA ASN F 65 8.22 15.63 46.53
C ASN F 65 8.58 16.88 45.75
N GLU F 66 7.58 17.62 45.26
CA GLU F 66 7.90 18.70 44.33
C GLU F 66 8.60 19.83 45.03
N LEU F 67 8.38 19.94 46.34
CA LEU F 67 9.04 21.01 47.10
C LEU F 67 10.52 20.74 47.30
N LEU F 68 10.89 19.51 47.67
CA LEU F 68 12.28 19.19 47.98
C LEU F 68 13.09 18.44 46.90
N ASP F 69 12.45 17.99 45.82
CA ASP F 69 13.16 17.22 44.80
C ASP F 69 14.16 18.13 44.08
N SER F 70 15.24 17.57 43.57
CA SER F 70 16.24 18.37 42.87
C SER F 70 15.71 18.80 41.48
N PRO F 71 16.24 19.91 40.95
CA PRO F 71 15.76 20.43 39.66
C PRO F 71 15.86 19.43 38.50
N GLY F 72 14.78 19.30 37.74
CA GLY F 72 14.77 18.47 36.56
C GLY F 72 14.60 16.99 36.82
N MET F 73 14.33 16.62 38.07
CA MET F 73 14.17 15.21 38.42
C MET F 73 13.03 14.56 37.62
N CYS F 74 13.23 13.30 37.24
CA CYS F 74 12.17 12.47 36.64
C CYS F 74 11.68 11.47 37.68
N VAL F 75 10.36 11.36 37.83
CA VAL F 75 9.79 10.41 38.77
C VAL F 75 8.98 9.36 38.00
N PHE F 76 9.19 8.10 38.37
CA PHE F 76 8.47 7.00 37.75
C PHE F 76 6.96 7.19 37.83
N TRP F 77 6.25 6.67 36.83
CA TRP F 77 4.83 6.36 36.98
C TRP F 77 4.69 5.11 37.83
N GLY F 78 3.55 4.97 38.52
CA GLY F 78 3.33 3.83 39.38
C GLY F 78 3.29 4.15 40.87
N PRO F 79 3.24 3.12 41.72
CA PRO F 79 3.39 1.69 41.41
C PRO F 79 2.15 1.08 40.75
N TYR F 80 2.38 0.09 39.91
CA TYR F 80 1.30 -0.66 39.27
C TYR F 80 1.31 -2.10 39.72
N SER F 81 0.14 -2.66 39.96
CA SER F 81 0.02 -4.10 40.18
C SER F 81 0.12 -4.84 38.84
N VAL F 82 0.74 -6.01 38.86
CA VAL F 82 0.81 -6.88 37.69
C VAL F 82 0.07 -8.18 38.02
N PRO F 83 -0.53 -8.82 37.00
CA PRO F 83 -1.37 -10.00 37.26
C PRO F 83 -0.60 -11.23 37.73
N LYS F 84 -1.19 -12.01 38.63
CA LYS F 84 -0.62 -13.28 39.08
C LYS F 84 0.66 -13.15 39.88
N ASN F 85 1.05 -11.92 40.23
CA ASN F 85 2.32 -11.73 40.94
C ASN F 85 2.15 -10.66 42.00
N ASP F 86 1.98 -11.10 43.23
CA ASP F 86 1.70 -10.21 44.35
C ASP F 86 2.97 -9.82 45.11
N THR F 87 4.11 -10.35 44.67
CA THR F 87 5.38 -10.08 45.34
C THR F 87 6.10 -8.82 44.88
N VAL F 88 5.55 -8.14 43.89
CA VAL F 88 6.19 -6.92 43.41
C VAL F 88 5.25 -5.98 42.69
N VAL F 89 5.73 -4.75 42.50
CA VAL F 89 4.99 -3.74 41.76
C VAL F 89 5.88 -3.15 40.66
N LEU F 90 5.25 -2.52 39.68
CA LEU F 90 5.94 -1.96 38.53
C LEU F 90 6.01 -0.44 38.62
N TYR F 91 7.20 0.09 38.34
CA TYR F 91 7.40 1.50 38.09
C TYR F 91 7.91 1.66 36.66
N THR F 92 7.47 2.67 35.94
CA THR F 92 7.88 2.79 34.57
C THR F 92 7.83 4.23 34.11
N VAL F 93 8.69 4.52 33.13
CA VAL F 93 8.56 5.72 32.32
C VAL F 93 8.74 5.28 30.89
N THR F 94 8.38 6.15 29.95
CA THR F 94 8.66 5.91 28.55
C THR F 94 9.55 7.03 28.02
N ALA F 95 10.24 6.74 26.93
CA ALA F 95 11.05 7.74 26.28
C ALA F 95 10.70 7.81 24.80
N ARG F 96 10.60 9.02 24.27
CA ARG F 96 10.33 9.21 22.85
C ARG F 96 11.54 9.85 22.20
N LEU F 97 12.04 9.20 21.16
CA LEU F 97 13.21 9.67 20.44
C LEU F 97 12.79 10.15 19.06
N LYS F 98 12.99 11.43 18.80
CA LYS F 98 12.65 12.03 17.52
C LYS F 98 13.90 12.12 16.64
N TRP F 99 13.80 11.57 15.43
CA TRP F 99 14.95 11.49 14.54
C TRP F 99 14.82 12.48 13.38
N SER F 100 15.96 12.94 12.88
CA SER F 100 16.01 13.85 11.75
C SER F 100 15.23 13.30 10.57
N GLU F 101 15.55 12.07 10.18
CA GLU F 101 14.78 11.39 9.15
C GLU F 101 14.37 10.03 9.69
N GLY F 102 13.06 9.84 9.82
CA GLY F 102 12.52 8.57 10.25
C GLY F 102 11.35 8.78 11.19
N PRO F 103 10.64 7.70 11.53
CA PRO F 103 9.57 7.82 12.52
C PRO F 103 10.17 7.89 13.93
N PRO F 104 9.50 8.55 14.87
CA PRO F 104 10.06 8.54 16.22
C PRO F 104 10.19 7.12 16.75
N THR F 105 11.09 6.88 17.70
CA THR F 105 11.17 5.58 18.35
C THR F 105 10.75 5.73 19.82
N ASN F 106 10.17 4.68 20.39
CA ASN F 106 9.66 4.73 21.76
C ASN F 106 10.27 3.63 22.60
N LEU F 107 10.70 4.01 23.81
CA LEU F 107 11.31 3.09 24.75
C LEU F 107 10.44 2.99 25.97
N SER F 108 10.41 1.79 26.54
CA SER F 108 9.76 1.53 27.80
C SER F 108 10.83 1.24 28.83
N ILE F 109 10.86 2.06 29.88
CA ILE F 109 11.82 1.91 30.97
C ILE F 109 11.07 1.42 32.20
N GLN F 110 11.33 0.15 32.56
CA GLN F 110 10.61 -0.55 33.62
C GLN F 110 11.50 -1.02 34.75
N CYS F 111 11.00 -0.82 35.97
CA CYS F 111 11.64 -1.31 37.17
C CYS F 111 10.63 -2.00 38.05
N TYR F 112 10.92 -3.23 38.45
CA TYR F 112 10.05 -3.98 39.34
C TYR F 112 10.61 -3.82 40.74
N MET F 113 9.74 -3.49 41.69
CA MET F 113 10.15 -3.25 43.07
C MET F 113 9.46 -4.28 43.97
N PRO F 114 10.23 -4.88 44.90
CA PRO F 114 9.58 -5.74 45.88
C PRO F 114 8.71 -4.91 46.80
N LYS F 115 7.51 -5.37 47.14
CA LYS F 115 6.71 -4.66 48.14
C LYS F 115 7.06 -5.19 49.52
N SER F 116 7.14 -4.28 50.50
CA SER F 116 7.46 -4.64 51.88
C SER F 116 6.64 -5.84 52.35
N LYS G 9 -28.03 9.02 34.95
CA LYS G 9 -28.65 8.32 33.82
C LYS G 9 -28.92 9.31 32.69
N PHE G 10 -29.82 10.25 32.95
CA PHE G 10 -30.13 11.34 32.02
C PHE G 10 -30.59 10.77 30.68
N LEU G 11 -31.12 9.55 30.69
CA LEU G 11 -31.63 8.95 29.47
C LEU G 11 -33.02 8.36 29.70
N ASN G 12 -33.96 8.75 28.85
CA ASN G 12 -35.32 8.25 28.94
C ASN G 12 -35.32 6.72 28.86
N LYS G 13 -36.14 6.08 29.70
CA LYS G 13 -36.14 4.62 29.83
C LYS G 13 -36.37 3.90 28.50
N ALA G 14 -37.23 4.48 27.68
CA ALA G 14 -37.57 3.92 26.37
C ALA G 14 -36.32 3.82 25.49
N PHE G 15 -35.48 4.84 25.60
CA PHE G 15 -34.23 4.92 24.86
C PHE G 15 -33.28 3.82 25.32
N GLU G 16 -33.12 3.71 26.63
CA GLU G 16 -32.29 2.66 27.22
C GLU G 16 -32.75 1.30 26.73
N VAL G 17 -34.05 1.06 26.82
CA VAL G 17 -34.58 -0.22 26.40
C VAL G 17 -34.29 -0.49 24.93
N ALA G 18 -34.57 0.49 24.06
CA ALA G 18 -34.24 0.31 22.64
C ALA G 18 -32.78 -0.13 22.45
N LEU G 19 -31.88 0.60 23.11
CA LEU G 19 -30.45 0.25 23.05
C LEU G 19 -30.20 -1.19 23.48
N LYS G 20 -30.66 -1.53 24.68
CA LYS G 20 -30.33 -2.84 25.24
C LYS G 20 -30.89 -3.98 24.39
N VAL G 21 -32.12 -3.82 23.95
CA VAL G 21 -32.76 -4.84 23.13
C VAL G 21 -31.96 -5.06 21.85
N GLN G 22 -31.60 -3.97 21.17
CA GLN G 22 -30.85 -4.13 19.90
C GLN G 22 -29.43 -4.66 20.10
N ILE G 23 -28.75 -4.18 21.15
CA ILE G 23 -27.40 -4.66 21.42
C ILE G 23 -27.40 -6.15 21.67
N ILE G 24 -28.28 -6.57 22.59
CA ILE G 24 -28.32 -7.99 22.92
C ILE G 24 -28.75 -8.81 21.71
N ALA G 25 -29.74 -8.33 20.95
CA ALA G 25 -30.13 -9.03 19.73
C ALA G 25 -28.97 -9.20 18.73
N GLY G 26 -28.18 -8.15 18.54
CA GLY G 26 -27.01 -8.23 17.67
C GLY G 26 -25.96 -9.21 18.16
N PHE G 27 -25.61 -9.09 19.43
CA PHE G 27 -24.65 -10.04 20.00
C PHE G 27 -25.17 -11.47 19.81
N ASP G 28 -26.46 -11.69 20.12
CA ASP G 28 -27.05 -13.03 20.00
C ASP G 28 -27.01 -13.55 18.55
N ARG G 29 -27.35 -12.69 17.57
CA ARG G 29 -27.25 -13.11 16.16
C ARG G 29 -25.83 -13.56 15.79
N GLY G 30 -24.84 -12.77 16.23
CA GLY G 30 -23.46 -13.16 16.04
C GLY G 30 -23.13 -14.51 16.69
N LEU G 31 -23.66 -14.71 17.89
CA LEU G 31 -23.42 -15.98 18.56
C LEU G 31 -24.07 -17.16 17.81
N VAL G 32 -25.29 -16.99 17.31
CA VAL G 32 -25.94 -18.07 16.53
C VAL G 32 -25.08 -18.42 15.31
N LYS G 33 -24.69 -17.37 14.59
CA LYS G 33 -23.83 -17.53 13.42
C LYS G 33 -22.57 -18.30 13.78
N TRP G 34 -21.91 -17.91 14.88
CA TRP G 34 -20.71 -18.64 15.32
C TRP G 34 -21.00 -20.10 15.74
N LEU G 35 -22.11 -20.31 16.44
CA LEU G 35 -22.45 -21.64 16.94
C LEU G 35 -22.76 -22.60 15.81
N ARG G 36 -23.34 -22.11 14.71
CA ARG G 36 -23.54 -22.98 13.57
C ARG G 36 -22.24 -23.65 13.15
N VAL G 37 -21.14 -22.89 13.17
CA VAL G 37 -19.84 -23.44 12.83
C VAL G 37 -19.18 -24.23 13.96
N HIS G 38 -19.10 -23.60 15.13
CA HIS G 38 -18.31 -24.11 16.25
C HIS G 38 -19.06 -24.81 17.39
N GLY G 39 -20.38 -24.89 17.30
CA GLY G 39 -21.19 -25.30 18.42
C GLY G 39 -21.36 -26.79 18.68
N ARG G 40 -20.98 -27.64 17.73
CA ARG G 40 -21.30 -29.07 17.80
C ARG G 40 -20.78 -29.71 19.09
N THR G 41 -19.58 -29.35 19.51
CA THR G 41 -18.93 -29.98 20.65
C THR G 41 -19.19 -29.28 21.98
N LEU G 42 -19.99 -28.21 21.96
CA LEU G 42 -20.28 -27.50 23.19
C LEU G 42 -21.47 -28.11 23.90
N SER G 43 -21.41 -28.12 25.23
CA SER G 43 -22.53 -28.52 26.06
C SER G 43 -23.59 -27.43 26.08
N THR G 44 -24.80 -27.81 26.46
CA THR G 44 -25.90 -26.88 26.63
C THR G 44 -25.51 -25.74 27.57
N VAL G 45 -24.87 -26.11 28.67
CA VAL G 45 -24.51 -25.16 29.67
C VAL G 45 -23.39 -24.19 29.17
N GLN G 46 -22.50 -24.69 28.33
CA GLN G 46 -21.46 -23.84 27.71
C GLN G 46 -22.08 -22.77 26.78
N LYS G 47 -23.04 -23.21 25.98
CA LYS G 47 -23.79 -22.29 25.13
C LYS G 47 -24.54 -21.26 25.98
N LYS G 48 -25.20 -21.72 27.04
CA LYS G 48 -25.86 -20.78 27.93
C LYS G 48 -24.87 -19.76 28.52
N ALA G 49 -23.68 -20.25 28.89
CA ALA G 49 -22.65 -19.35 29.37
C ALA G 49 -22.27 -18.30 28.33
N LEU G 50 -22.16 -18.70 27.07
CA LEU G 50 -21.84 -17.69 26.03
C LEU G 50 -22.99 -16.67 25.83
N TYR G 51 -24.22 -17.15 25.88
CA TYR G 51 -25.32 -16.18 25.88
C TYR G 51 -25.22 -15.23 27.04
N PHE G 52 -24.80 -15.72 28.22
CA PHE G 52 -24.55 -14.81 29.32
C PHE G 52 -23.41 -13.83 29.01
N VAL G 53 -22.33 -14.34 28.42
CA VAL G 53 -21.19 -13.50 28.05
C VAL G 53 -21.68 -12.30 27.23
N ASN G 54 -22.58 -12.54 26.29
CA ASN G 54 -23.14 -11.38 25.56
C ASN G 54 -23.73 -10.26 26.46
N ARG G 55 -24.65 -10.67 27.34
CA ARG G 55 -25.32 -9.72 28.20
C ARG G 55 -24.34 -9.02 29.14
N ARG G 56 -23.39 -9.80 29.65
CA ARG G 56 -22.38 -9.26 30.55
C ARG G 56 -21.45 -8.29 29.81
N TYR G 57 -21.15 -8.57 28.54
CA TYR G 57 -20.30 -7.66 27.77
C TYR G 57 -21.00 -6.33 27.68
N MET G 58 -22.31 -6.39 27.38
CA MET G 58 -23.08 -5.13 27.39
C MET G 58 -23.00 -4.39 28.73
N GLN G 59 -23.22 -5.13 29.82
CA GLN G 59 -23.14 -4.49 31.14
C GLN G 59 -21.79 -3.83 31.39
N THR G 60 -20.73 -4.59 31.14
CA THR G 60 -19.38 -4.12 31.39
C THR G 60 -19.10 -2.86 30.59
N HIS G 61 -19.48 -2.86 29.32
CA HIS G 61 -19.14 -1.75 28.44
C HIS G 61 -20.19 -0.67 28.23
N TRP G 62 -21.34 -0.80 28.91
CA TRP G 62 -22.39 0.21 28.81
C TRP G 62 -21.89 1.68 28.88
N ALA G 63 -21.07 2.02 29.86
CA ALA G 63 -20.63 3.42 29.97
C ALA G 63 -19.87 3.90 28.72
N ASN G 64 -18.99 3.05 28.19
CA ASN G 64 -18.22 3.53 27.05
C ASN G 64 -19.12 3.47 25.83
N TYR G 65 -20.13 2.60 25.84
CA TYR G 65 -21.10 2.71 24.76
C TYR G 65 -21.85 4.03 24.84
N MET G 66 -22.18 4.45 26.06
CA MET G 66 -22.92 5.70 26.24
C MET G 66 -22.11 6.91 25.77
N LEU G 67 -20.80 6.89 26.00
CA LEU G 67 -19.96 7.97 25.40
C LEU G 67 -20.18 8.09 23.88
N TRP G 68 -20.11 6.95 23.21
CA TRP G 68 -20.24 6.87 21.75
C TRP G 68 -21.63 7.28 21.29
N ILE G 69 -22.64 6.72 21.97
CA ILE G 69 -24.02 7.04 21.67
C ILE G 69 -24.26 8.53 21.82
N ASN G 70 -23.86 9.09 22.96
CA ASN G 70 -24.09 10.50 23.22
C ASN G 70 -23.40 11.33 22.15
N LYS G 71 -22.17 10.99 21.81
CA LYS G 71 -21.52 11.70 20.69
C LYS G 71 -22.38 11.61 19.42
N LYS G 72 -22.81 10.40 19.05
CA LYS G 72 -23.64 10.23 17.85
C LYS G 72 -24.99 11.00 17.90
N ILE G 73 -25.65 10.98 19.07
CA ILE G 73 -26.96 11.62 19.21
C ILE G 73 -26.76 13.12 19.10
N ASP G 74 -25.74 13.63 19.80
CA ASP G 74 -25.46 15.06 19.81
C ASP G 74 -25.21 15.57 18.39
N ALA G 75 -24.74 14.69 17.51
CA ALA G 75 -24.40 15.09 16.15
C ALA G 75 -25.62 15.11 15.24
N LEU G 76 -26.78 14.76 15.78
CA LEU G 76 -28.00 14.77 14.99
C LEU G 76 -28.49 16.19 14.75
N GLY G 77 -28.18 17.09 15.69
CA GLY G 77 -28.61 18.47 15.59
C GLY G 77 -30.11 18.65 15.82
N ARG G 78 -30.70 17.74 16.58
CA ARG G 78 -32.13 17.79 16.86
C ARG G 78 -32.46 16.90 18.04
N THR G 79 -33.72 16.90 18.45
CA THR G 79 -34.14 16.02 19.54
C THR G 79 -34.12 14.58 19.04
N PRO G 80 -33.53 13.67 19.83
CA PRO G 80 -33.59 12.29 19.37
C PRO G 80 -34.97 11.66 19.58
N VAL G 81 -35.25 10.62 18.82
CA VAL G 81 -36.44 9.79 19.01
C VAL G 81 -35.97 8.36 19.19
N VAL G 82 -36.84 7.50 19.69
CA VAL G 82 -36.45 6.14 20.04
C VAL G 82 -35.78 5.40 18.87
N GLY G 83 -36.23 5.67 17.65
CA GLY G 83 -35.68 5.04 16.47
C GLY G 83 -34.18 5.29 16.30
N ASP G 84 -33.74 6.47 16.74
CA ASP G 84 -32.32 6.83 16.70
C ASP G 84 -31.53 5.86 17.58
N TYR G 85 -32.12 5.58 18.74
CA TYR G 85 -31.48 4.69 19.71
C TYR G 85 -31.56 3.25 19.26
N THR G 86 -32.66 2.89 18.61
CA THR G 86 -32.76 1.56 18.01
C THR G 86 -31.63 1.37 16.98
N ARG G 87 -31.47 2.36 16.11
CA ARG G 87 -30.43 2.31 15.09
C ARG G 87 -29.02 2.19 15.70
N LEU G 88 -28.69 3.07 16.63
CA LEU G 88 -27.36 3.01 17.24
C LEU G 88 -27.13 1.71 18.01
N GLY G 89 -28.16 1.26 18.73
CA GLY G 89 -28.09 -0.01 19.43
C GLY G 89 -27.79 -1.16 18.48
N ALA G 90 -28.48 -1.19 17.34
CA ALA G 90 -28.22 -2.21 16.33
C ALA G 90 -26.80 -2.13 15.75
N GLU G 91 -26.34 -0.89 15.55
CA GLU G 91 -24.97 -0.72 15.06
C GLU G 91 -23.95 -1.31 16.05
N ILE G 92 -24.10 -0.98 17.34
CA ILE G 92 -23.24 -1.59 18.35
C ILE G 92 -23.39 -3.12 18.28
N GLY G 93 -24.63 -3.58 18.23
CA GLY G 93 -24.88 -5.01 18.21
C GLY G 93 -24.20 -5.78 17.10
N ARG G 94 -24.15 -5.20 15.91
CA ARG G 94 -23.45 -5.84 14.81
C ARG G 94 -21.93 -5.61 14.73
N ARG G 95 -21.46 -4.47 15.21
N ARG G 95 -21.45 -4.46 15.20
CA ARG G 95 -20.04 -4.15 15.06
CA ARG G 95 -20.03 -4.14 15.06
C ARG G 95 -19.10 -4.80 16.08
C ARG G 95 -19.09 -4.77 16.08
N ILE G 96 -19.57 -5.06 17.29
CA ILE G 96 -18.70 -5.64 18.30
C ILE G 96 -18.34 -7.05 17.90
N ASP G 97 -17.05 -7.39 17.87
CA ASP G 97 -16.73 -8.68 17.29
C ASP G 97 -16.59 -9.61 18.49
N MET G 98 -17.68 -10.31 18.81
CA MET G 98 -17.72 -11.09 20.03
C MET G 98 -17.04 -12.41 19.76
N ALA G 99 -16.95 -12.75 18.49
CA ALA G 99 -16.33 -13.99 18.07
C ALA G 99 -14.87 -14.10 18.53
N TYR G 100 -14.18 -12.97 18.68
CA TYR G 100 -12.84 -13.04 19.24
C TYR G 100 -12.88 -13.67 20.62
N PHE G 101 -13.94 -13.40 21.39
CA PHE G 101 -14.05 -14.02 22.70
C PHE G 101 -14.62 -15.44 22.61
N TYR G 102 -15.59 -15.68 21.72
CA TYR G 102 -16.11 -17.04 21.60
C TYR G 102 -14.97 -18.00 21.25
N ASP G 103 -14.16 -17.63 20.25
CA ASP G 103 -13.08 -18.50 19.78
C ASP G 103 -12.02 -18.70 20.85
N PHE G 104 -11.63 -17.63 21.53
CA PHE G 104 -10.63 -17.71 22.57
C PHE G 104 -11.13 -18.58 23.71
N LEU G 105 -12.36 -18.35 24.14
CA LEU G 105 -12.90 -19.09 25.28
C LEU G 105 -13.02 -20.58 24.94
N LYS G 106 -13.48 -20.91 23.75
CA LYS G 106 -13.58 -22.32 23.36
C LYS G 106 -12.19 -22.93 23.22
N ASP G 107 -11.32 -22.24 22.48
CA ASP G 107 -9.98 -22.74 22.18
C ASP G 107 -9.15 -23.00 23.44
N LYS G 108 -9.27 -22.13 24.44
CA LYS G 108 -8.50 -22.27 25.67
C LYS G 108 -9.25 -23.03 26.75
N ASN G 109 -10.44 -23.53 26.41
CA ASN G 109 -11.27 -24.25 27.37
C ASN G 109 -11.57 -23.41 28.59
N MET G 110 -11.75 -22.11 28.34
CA MET G 110 -12.11 -21.13 29.36
C MET G 110 -13.58 -20.68 29.41
N ILE G 111 -14.47 -21.31 28.64
CA ILE G 111 -15.87 -20.93 28.71
C ILE G 111 -16.28 -21.00 30.18
N PRO G 112 -16.80 -19.90 30.74
CA PRO G 112 -17.00 -19.92 32.18
C PRO G 112 -18.01 -20.96 32.64
N LYS G 113 -17.75 -21.53 33.80
CA LYS G 113 -18.71 -22.42 34.45
C LYS G 113 -20.00 -21.64 34.70
N TYR G 114 -21.13 -22.25 34.35
CA TYR G 114 -22.41 -21.58 34.39
C TYR G 114 -22.94 -21.54 35.81
N LEU G 115 -23.14 -20.34 36.33
CA LEU G 115 -23.53 -20.15 37.72
C LEU G 115 -24.87 -19.43 37.81
N PRO G 116 -25.53 -19.51 38.97
CA PRO G 116 -26.86 -18.89 39.14
C PRO G 116 -26.97 -17.42 38.72
N TYR G 117 -25.97 -16.58 39.00
CA TYR G 117 -26.09 -15.17 38.62
C TYR G 117 -26.19 -15.03 37.08
N MET G 118 -25.57 -15.98 36.40
CA MET G 118 -25.58 -16.01 34.95
C MET G 118 -26.97 -16.42 34.47
N GLU G 119 -27.52 -17.48 35.06
CA GLU G 119 -28.86 -17.92 34.70
C GLU G 119 -29.86 -16.79 34.95
N GLU G 120 -29.71 -16.14 36.10
CA GLU G 120 -30.62 -15.04 36.43
C GLU G 120 -30.55 -13.98 35.35
N ILE G 121 -29.35 -13.58 34.95
CA ILE G 121 -29.26 -12.60 33.87
C ILE G 121 -29.81 -13.18 32.54
N ASN G 122 -29.57 -14.45 32.24
CA ASN G 122 -30.09 -15.03 31.00
C ASN G 122 -31.63 -15.13 30.97
N ARG G 123 -32.26 -15.29 32.14
CA ARG G 123 -33.73 -15.40 32.19
C ARG G 123 -34.45 -14.05 32.10
N MET G 124 -33.74 -12.96 32.36
CA MET G 124 -34.33 -11.62 32.24
C MET G 124 -34.73 -11.28 30.82
N ARG G 125 -35.73 -10.41 30.68
CA ARG G 125 -35.94 -9.71 29.43
C ARG G 125 -34.68 -8.90 29.13
N PRO G 126 -34.25 -8.89 27.87
CA PRO G 126 -33.13 -7.99 27.53
C PRO G 126 -33.40 -6.55 27.98
N ALA G 127 -34.63 -6.07 27.83
CA ALA G 127 -34.97 -4.71 28.27
C ALA G 127 -34.72 -4.48 29.75
N ASP G 128 -34.70 -5.56 30.53
CA ASP G 128 -34.57 -5.44 32.00
C ASP G 128 -33.15 -5.67 32.53
N VAL G 129 -32.21 -5.98 31.65
CA VAL G 129 -30.85 -6.25 32.10
C VAL G 129 -30.34 -4.97 32.73
N PRO G 130 -29.90 -5.03 33.99
CA PRO G 130 -29.43 -3.81 34.64
C PRO G 130 -28.09 -3.31 34.09
N VAL G 131 -28.02 -2.01 33.87
CA VAL G 131 -26.78 -1.35 33.41
C VAL G 131 -26.47 -0.19 34.36
N LYS G 132 -25.19 0.17 34.44
CA LYS G 132 -24.77 1.26 35.32
C LYS G 132 -24.21 2.39 34.47
N TYR G 133 -24.80 3.57 34.61
CA TYR G 133 -24.31 4.77 33.93
C TYR G 133 -23.12 5.39 34.65
N MET G 134 -22.29 6.10 33.90
CA MET G 134 -21.10 6.79 34.43
C MET G 134 -20.18 5.84 35.19
N ASP H 8 -8.71 -10.32 40.87
CA ASP H 8 -8.41 -11.53 40.12
C ASP H 8 -8.56 -11.27 38.61
N TRP H 9 -7.47 -10.95 37.94
CA TRP H 9 -7.54 -10.52 36.55
C TRP H 9 -6.33 -10.97 35.74
N ASP H 10 -6.48 -10.99 34.43
CA ASP H 10 -5.34 -11.32 33.58
C ASP H 10 -5.58 -10.80 32.16
N VAL H 11 -4.49 -10.77 31.39
CA VAL H 11 -4.58 -10.42 29.98
C VAL H 11 -4.02 -11.59 29.20
N TYR H 12 -4.68 -11.90 28.08
CA TYR H 12 -4.26 -12.97 27.19
C TYR H 12 -3.90 -12.34 25.86
N CYS H 13 -2.60 -12.32 25.61
CA CYS H 13 -2.01 -11.60 24.50
C CYS H 13 -2.04 -12.45 23.26
N SER H 14 -2.02 -11.80 22.10
CA SER H 14 -1.97 -12.54 20.84
C SER H 14 -0.54 -12.57 20.34
N GLN H 15 -0.29 -13.33 19.28
CA GLN H 15 1.01 -13.33 18.62
C GLN H 15 0.98 -12.47 17.37
N ASP H 16 -0.18 -11.88 17.09
CA ASP H 16 -0.37 -11.14 15.85
C ASP H 16 -1.15 -9.85 16.11
N GLU H 17 -0.62 -8.73 15.62
CA GLU H 17 -1.27 -7.44 15.85
C GLU H 17 -2.69 -7.39 15.29
N SER H 18 -3.04 -8.29 14.38
CA SER H 18 -4.38 -8.28 13.76
C SER H 18 -5.43 -8.85 14.70
N ILE H 19 -4.99 -9.56 15.73
CA ILE H 19 -5.90 -10.20 16.67
C ILE H 19 -5.80 -9.53 18.04
N PRO H 20 -6.93 -8.97 18.53
CA PRO H 20 -6.88 -8.26 19.81
C PRO H 20 -6.56 -9.15 21.01
N ALA H 21 -5.99 -8.54 22.03
CA ALA H 21 -5.74 -9.23 23.29
C ALA H 21 -7.08 -9.32 24.05
N LYS H 22 -7.16 -10.27 24.95
CA LYS H 22 -8.36 -10.39 25.79
C LYS H 22 -8.04 -10.16 27.25
N PHE H 23 -8.77 -9.24 27.87
CA PHE H 23 -8.61 -8.94 29.28
C PHE H 23 -9.81 -9.55 29.99
N ILE H 24 -9.52 -10.30 31.05
CA ILE H 24 -10.57 -10.95 31.84
C ILE H 24 -10.35 -10.68 33.31
N SER H 25 -11.40 -10.23 33.99
CA SER H 25 -11.37 -10.02 35.43
C SER H 25 -12.53 -10.75 36.10
N ARG H 26 -12.40 -10.95 37.40
CA ARG H 26 -13.44 -11.61 38.17
C ARG H 26 -13.58 -10.89 39.50
N LEU H 27 -14.82 -10.61 39.88
CA LEU H 27 -15.10 -10.02 41.19
C LEU H 27 -15.88 -11.00 42.07
N ALA H 34 -15.74 -1.13 48.36
CA ALA H 34 -16.59 -1.13 47.18
C ALA H 34 -15.93 -0.39 46.02
N LEU H 35 -16.12 -0.90 44.81
CA LEU H 35 -15.50 -0.34 43.61
C LEU H 35 -16.41 0.69 42.93
N GLU H 36 -16.01 1.95 42.98
CA GLU H 36 -16.82 3.04 42.44
C GLU H 36 -16.65 3.21 40.94
N LYS H 37 -15.41 3.07 40.46
CA LYS H 37 -15.11 3.37 39.07
C LYS H 37 -13.94 2.54 38.55
N THR H 38 -14.02 2.15 37.28
CA THR H 38 -12.89 1.55 36.58
C THR H 38 -12.70 2.29 35.26
N GLU H 39 -11.48 2.77 35.06
CA GLU H 39 -11.11 3.50 33.86
C GLU H 39 -9.86 2.88 33.26
N ILE H 40 -9.91 2.57 31.98
CA ILE H 40 -8.77 2.03 31.27
C ILE H 40 -8.14 3.15 30.48
N ASN H 41 -6.87 3.42 30.75
CA ASN H 41 -6.13 4.42 30.01
C ASN H 41 -5.50 3.83 28.77
N CYS H 42 -6.10 4.15 27.61
CA CYS H 42 -5.73 3.55 26.33
C CYS H 42 -5.16 4.62 25.41
N SER H 43 -4.43 4.21 24.39
CA SER H 43 -3.80 5.15 23.49
C SER H 43 -4.86 6.02 22.83
N ASN H 44 -6.07 5.50 22.66
CA ASN H 44 -7.12 6.28 22.01
C ASN H 44 -8.02 6.96 23.02
N GLY H 45 -7.71 6.83 24.30
CA GLY H 45 -8.44 7.61 25.28
C GLY H 45 -8.71 6.87 26.57
N LEU H 46 -9.46 7.54 27.44
CA LEU H 46 -9.85 6.95 28.71
C LEU H 46 -11.17 6.22 28.51
N VAL H 47 -11.16 4.92 28.78
CA VAL H 47 -12.32 4.06 28.53
C VAL H 47 -12.94 3.61 29.84
N PRO H 48 -14.15 4.11 30.15
CA PRO H 48 -14.77 3.63 31.38
C PRO H 48 -15.33 2.23 31.24
N ILE H 49 -15.17 1.36 32.24
CA ILE H 49 -15.89 0.09 32.21
C ILE H 49 -16.45 -0.17 33.59
N THR H 50 -17.52 -0.94 33.64
CA THR H 50 -18.10 -1.32 34.92
C THR H 50 -17.79 -2.78 35.16
N GLN H 51 -17.06 -3.05 36.23
CA GLN H 51 -16.78 -4.42 36.56
C GLN H 51 -17.89 -4.89 37.46
N GLU H 52 -18.74 -5.74 36.91
CA GLU H 52 -19.86 -6.32 37.61
C GLU H 52 -19.37 -7.47 38.47
N PHE H 53 -20.16 -7.84 39.47
CA PHE H 53 -19.90 -9.06 40.23
C PHE H 53 -19.73 -10.23 39.27
N GLY H 54 -18.75 -11.08 39.54
CA GLY H 54 -18.48 -12.19 38.66
C GLY H 54 -17.51 -11.81 37.56
N ILE H 55 -17.67 -12.43 36.38
CA ILE H 55 -16.68 -12.31 35.31
C ILE H 55 -16.92 -11.05 34.45
N ASN H 56 -15.81 -10.44 34.02
CA ASN H 56 -15.84 -9.30 33.11
C ASN H 56 -14.77 -9.50 32.04
N MET H 57 -15.08 -9.06 30.83
CA MET H 57 -14.25 -9.29 29.66
C MET H 57 -14.10 -8.02 28.86
N MET H 58 -12.93 -7.84 28.25
CA MET H 58 -12.71 -6.70 27.39
C MET H 58 -11.69 -7.02 26.29
N LEU H 59 -11.93 -6.54 25.08
CA LEU H 59 -10.95 -6.70 24.00
C LEU H 59 -9.99 -5.53 24.03
N ILE H 60 -8.72 -5.77 23.74
CA ILE H 60 -7.76 -4.67 23.57
C ILE H 60 -7.01 -4.83 22.25
N GLN H 61 -7.22 -3.87 21.37
CA GLN H 61 -6.60 -3.91 20.05
C GLN H 61 -5.17 -3.39 20.04
N TYR H 62 -4.38 -3.96 19.15
CA TYR H 62 -3.01 -3.49 18.91
C TYR H 62 -2.92 -2.32 17.92
N THR H 63 -3.94 -2.20 17.07
CA THR H 63 -3.96 -1.19 16.01
C THR H 63 -5.17 -0.29 16.15
N ARG H 64 -5.10 0.90 15.58
CA ARG H 64 -6.19 1.85 15.67
C ARG H 64 -6.63 2.26 14.28
N ASN H 65 -7.93 2.17 14.02
CA ASN H 65 -8.52 2.89 12.90
C ASN H 65 -9.78 3.56 13.42
N GLU H 66 -9.76 4.87 13.57
CA GLU H 66 -10.85 5.54 14.26
C GLU H 66 -12.13 5.51 13.44
N LEU H 67 -11.98 5.42 12.13
CA LEU H 67 -13.14 5.38 11.25
C LEU H 67 -13.84 4.02 11.29
N LEU H 68 -13.07 2.93 11.25
CA LEU H 68 -13.65 1.59 11.17
C LEU H 68 -13.68 0.77 12.48
N ASP H 69 -13.03 1.25 13.53
CA ASP H 69 -12.97 0.48 14.78
C ASP H 69 -14.37 0.39 15.38
N SER H 70 -14.63 -0.68 16.12
CA SER H 70 -15.95 -0.82 16.76
C SER H 70 -16.08 0.16 17.93
N PRO H 71 -17.32 0.52 18.32
CA PRO H 71 -17.57 1.49 19.41
C PRO H 71 -16.96 1.11 20.76
N GLY H 72 -16.27 2.05 21.40
CA GLY H 72 -15.74 1.83 22.74
C GLY H 72 -14.45 1.03 22.78
N MET H 73 -13.87 0.75 21.62
CA MET H 73 -12.66 -0.05 21.56
C MET H 73 -11.52 0.63 22.33
N CYS H 74 -10.74 -0.19 23.02
CA CYS H 74 -9.50 0.25 23.68
C CYS H 74 -8.31 -0.23 22.87
N VAL H 75 -7.36 0.68 22.62
CA VAL H 75 -6.15 0.38 21.87
C VAL H 75 -4.95 0.53 22.77
N PHE H 76 -4.07 -0.46 22.72
CA PHE H 76 -2.82 -0.44 23.46
C PHE H 76 -1.98 0.81 23.16
N TRP H 77 -1.24 1.26 24.17
CA TRP H 77 -0.09 2.15 23.94
C TRP H 77 1.05 1.29 23.42
N GLY H 78 1.94 1.90 22.64
CA GLY H 78 3.06 1.20 22.04
C GLY H 78 3.00 1.11 20.53
N PRO H 79 3.92 0.35 19.94
CA PRO H 79 4.93 -0.52 20.55
C PRO H 79 6.10 0.22 21.18
N TYR H 80 6.65 -0.36 22.25
CA TYR H 80 7.84 0.17 22.91
C TYR H 80 8.98 -0.82 22.80
N SER H 81 10.19 -0.31 22.54
CA SER H 81 11.37 -1.14 22.66
C SER H 81 11.74 -1.33 24.12
N VAL H 82 12.27 -2.50 24.45
CA VAL H 82 12.75 -2.82 25.79
C VAL H 82 14.26 -3.05 25.71
N PRO H 83 15.00 -2.75 26.78
CA PRO H 83 16.46 -2.81 26.71
C PRO H 83 17.01 -4.22 26.61
N LYS H 84 18.05 -4.38 25.79
CA LYS H 84 18.81 -5.62 25.72
C LYS H 84 17.96 -6.78 25.22
N ASN H 85 16.90 -6.46 24.50
CA ASN H 85 15.99 -7.48 24.00
C ASN H 85 15.31 -7.01 22.74
N ASP H 86 15.84 -7.39 21.59
CA ASP H 86 15.34 -6.89 20.32
C ASP H 86 14.34 -7.86 19.68
N THR H 87 14.03 -8.95 20.38
CA THR H 87 13.14 -9.97 19.83
C THR H 87 11.66 -9.65 20.04
N VAL H 88 11.35 -8.71 20.93
CA VAL H 88 9.97 -8.36 21.21
C VAL H 88 9.77 -6.85 21.32
N VAL H 89 8.51 -6.44 21.26
CA VAL H 89 8.11 -5.08 21.60
C VAL H 89 6.98 -5.14 22.61
N LEU H 90 6.80 -4.05 23.34
CA LEU H 90 5.79 -3.99 24.41
C LEU H 90 4.60 -3.16 23.99
N TYR H 91 3.42 -3.72 24.27
CA TYR H 91 2.18 -2.98 24.22
C TYR H 91 1.59 -2.96 25.62
N THR H 92 0.99 -1.85 26.01
CA THR H 92 0.49 -1.80 27.36
C THR H 92 -0.63 -0.80 27.51
N VAL H 93 -1.49 -1.05 28.49
CA VAL H 93 -2.41 -0.05 28.99
C VAL H 93 -2.36 -0.12 30.50
N THR H 94 -2.92 0.89 31.15
CA THR H 94 -3.04 0.85 32.60
C THR H 94 -4.51 0.99 32.97
N ALA H 95 -4.84 0.53 34.17
CA ALA H 95 -6.19 0.67 34.67
C ALA H 95 -6.18 1.29 36.05
N ARG H 96 -7.12 2.21 36.29
CA ARG H 96 -7.26 2.87 37.58
C ARG H 96 -8.57 2.46 38.22
N LEU H 97 -8.49 1.88 39.42
CA LEU H 97 -9.66 1.41 40.14
C LEU H 97 -9.87 2.32 41.33
N LYS H 98 -11.00 3.02 41.35
CA LYS H 98 -11.34 3.96 42.41
C LYS H 98 -12.34 3.34 43.37
N TRP H 99 -12.01 3.37 44.66
CA TRP H 99 -12.81 2.70 45.68
C TRP H 99 -13.59 3.65 46.58
N SER H 100 -14.73 3.16 47.07
CA SER H 100 -15.56 3.90 48.01
C SER H 100 -14.70 4.32 49.19
N GLU H 101 -13.96 3.36 49.72
CA GLU H 101 -13.02 3.60 50.81
C GLU H 101 -11.62 3.15 50.46
N GLY H 102 -10.67 4.08 50.55
CA GLY H 102 -9.28 3.78 50.29
C GLY H 102 -8.75 4.51 49.07
N PRO H 103 -7.42 4.48 48.90
CA PRO H 103 -6.81 5.12 47.74
C PRO H 103 -7.03 4.27 46.50
N PRO H 104 -7.08 4.89 45.31
CA PRO H 104 -7.24 4.08 44.10
C PRO H 104 -6.12 3.06 43.92
N THR H 105 -6.40 1.99 43.17
CA THR H 105 -5.37 1.01 42.84
C THR H 105 -5.08 1.12 41.35
N ASN H 106 -3.86 0.78 40.96
CA ASN H 106 -3.45 0.89 39.57
C ASN H 106 -2.92 -0.42 39.06
N LEU H 107 -3.39 -0.79 37.88
CA LEU H 107 -2.98 -2.02 37.25
C LEU H 107 -2.21 -1.71 35.98
N SER H 108 -1.21 -2.55 35.72
CA SER H 108 -0.46 -2.49 34.46
C SER H 108 -0.81 -3.71 33.63
N ILE H 109 -1.34 -3.47 32.44
CA ILE H 109 -1.73 -4.54 31.53
C ILE H 109 -0.73 -4.53 30.38
N GLN H 110 0.11 -5.55 30.35
CA GLN H 110 1.23 -5.64 29.39
C GLN H 110 1.14 -6.85 28.47
N CYS H 111 1.46 -6.62 27.20
CA CYS H 111 1.56 -7.68 26.22
C CYS H 111 2.82 -7.53 25.39
N TYR H 112 3.67 -8.55 25.40
CA TYR H 112 4.84 -8.53 24.53
C TYR H 112 4.50 -9.20 23.21
N MET H 113 4.88 -8.53 22.14
CA MET H 113 4.62 -8.97 20.77
C MET H 113 5.94 -9.32 20.10
N PRO H 114 6.02 -10.51 19.47
CA PRO H 114 7.21 -10.82 18.69
C PRO H 114 7.36 -9.83 17.54
N LYS H 115 8.60 -9.43 17.25
CA LYS H 115 8.85 -8.52 16.15
C LYS H 115 8.92 -9.26 14.81
#